data_2AEC
#
_entry.id   2AEC
#
_cell.length_a   107.228
_cell.length_b   194.990
_cell.length_c   143.744
_cell.angle_alpha   90.00
_cell.angle_beta   90.00
_cell.angle_gamma   90.00
#
_symmetry.space_group_name_H-M   'C 2 2 21'
#
loop_
_entity.id
_entity.type
_entity.pdbx_description
1 polymer 'Beta-1,4-galactosyltransferase 1'
2 branched 2-acetamido-2-deoxy-beta-D-glucopyranose-(1-2)-alpha-D-mannopyranose-(1-6)-beta-D-mannopyranose
3 non-polymer 'MANGANESE (II) ION'
4 non-polymer 'SULFATE ION'
5 non-polymer "6-AMINOHEXYL-URIDINE-C1,5'-DIPHOSPHATE"
6 non-polymer GLYCEROL
7 non-polymer '1,4-DIETHYLENE DIOXIDE'
8 non-polymer '2-(N-MORPHOLINO)-ETHANESULFONIC ACID'
9 water water
#
_entity_poly.entity_id   1
_entity_poly.type   'polypeptide(L)'
_entity_poly.pdbx_seq_one_letter_code
;ASMTGGQQMGRGSASLPACPEESPLLVGPMLIEFNMPVDLELVAKQNPNVKMGGRYAPRDCVSPHKVAIIIPFRNRQEHL
KYWLYYLHPVLQRQQLDYGIYVINQAGDTIFNRAKLLNVGFQEALKDYDYTCFVFSDVDLIPMNDHNAYRCFSQPRHISV
AMDKFGFSLPYVQYFGGVSALSKQQFLTINGFPNNYWGWGGEDDDIFNRLVFRGMSISRPNAVVGTTRHIRHSRDKKNEP
NPQRFDRIAHTKETMLSDGLNSLTYQVLDVQRYPLYTQITVDIGTPS
;
_entity_poly.pdbx_strand_id   A,B,C
#
# COMPACT_ATOMS: atom_id res chain seq x y z
N LEU A 16 -19.70 -39.74 40.99
CA LEU A 16 -19.47 -38.55 41.88
C LEU A 16 -20.49 -37.45 41.63
N PRO A 17 -20.97 -36.81 42.70
CA PRO A 17 -21.95 -35.74 42.47
C PRO A 17 -21.19 -34.51 41.99
N ALA A 18 -21.92 -33.49 41.55
CA ALA A 18 -21.29 -32.26 41.11
C ALA A 18 -20.81 -31.54 42.35
N CYS A 19 -19.71 -30.81 42.24
CA CYS A 19 -19.20 -30.04 43.37
C CYS A 19 -20.19 -28.93 43.65
N PRO A 20 -20.21 -28.40 44.87
CA PRO A 20 -21.19 -27.32 45.08
C PRO A 20 -20.81 -26.11 44.22
N GLU A 21 -21.81 -25.30 43.87
CA GLU A 21 -21.63 -24.10 43.05
C GLU A 21 -20.49 -23.21 43.55
N GLU A 22 -20.43 -22.99 44.85
CA GLU A 22 -19.35 -22.20 45.41
C GLU A 22 -18.63 -23.14 46.36
N SER A 23 -17.31 -23.12 46.33
CA SER A 23 -16.53 -24.01 47.19
C SER A 23 -16.67 -23.67 48.66
N PRO A 24 -16.91 -24.69 49.51
CA PRO A 24 -17.04 -24.45 50.95
C PRO A 24 -15.68 -24.46 51.64
N LEU A 25 -14.63 -24.68 50.86
CA LEU A 25 -13.28 -24.76 51.39
C LEU A 25 -12.49 -23.45 51.50
N LEU A 26 -13.00 -22.39 50.87
CA LEU A 26 -12.29 -21.11 50.85
C LEU A 26 -12.14 -20.45 52.22
N VAL A 27 -11.00 -19.80 52.44
CA VAL A 27 -10.74 -19.12 53.70
C VAL A 27 -10.66 -17.61 53.56
N GLY A 28 -10.80 -17.10 52.33
CA GLY A 28 -10.75 -15.66 52.13
C GLY A 28 -9.37 -15.04 52.08
N PRO A 29 -9.16 -13.91 52.79
CA PRO A 29 -7.90 -13.17 52.85
C PRO A 29 -6.75 -14.06 53.25
N MET A 30 -5.61 -13.91 52.58
CA MET A 30 -4.44 -14.71 52.90
C MET A 30 -3.25 -13.78 53.01
N LEU A 31 -2.20 -14.23 53.67
CA LEU A 31 -0.99 -13.41 53.82
C LEU A 31 -0.01 -13.86 52.74
N ILE A 32 0.48 -12.91 51.94
CA ILE A 32 1.41 -13.22 50.84
C ILE A 32 2.79 -12.62 51.00
N GLU A 33 3.83 -13.44 50.91
CA GLU A 33 5.21 -12.93 51.05
C GLU A 33 6.15 -13.44 49.97
N PHE A 34 7.10 -12.61 49.56
CA PHE A 34 8.05 -13.01 48.53
C PHE A 34 9.50 -12.85 48.99
N ASN A 35 9.75 -12.96 50.28
CA ASN A 35 11.11 -12.80 50.76
C ASN A 35 11.76 -14.07 51.32
N MET A 36 11.13 -15.21 51.10
CA MET A 36 11.69 -16.47 51.59
C MET A 36 11.96 -17.39 50.41
N PRO A 37 12.94 -18.29 50.55
CA PRO A 37 13.24 -19.20 49.44
C PRO A 37 12.12 -20.23 49.28
N VAL A 38 11.99 -20.75 48.07
CA VAL A 38 10.97 -21.74 47.77
C VAL A 38 11.63 -22.96 47.18
N ASP A 39 11.23 -24.13 47.66
CA ASP A 39 11.78 -25.38 47.19
C ASP A 39 10.63 -26.17 46.59
N LEU A 40 10.61 -26.25 45.26
CA LEU A 40 9.52 -26.94 44.57
C LEU A 40 9.35 -28.39 44.96
N GLU A 41 10.44 -29.06 45.36
CA GLU A 41 10.32 -30.45 45.78
C GLU A 41 9.45 -30.48 47.03
N LEU A 42 9.67 -29.50 47.91
CA LEU A 42 8.89 -29.40 49.13
C LEU A 42 7.45 -29.03 48.77
N VAL A 43 7.30 -28.02 47.90
CA VAL A 43 5.95 -27.61 47.49
C VAL A 43 5.19 -28.81 46.94
N ALA A 44 5.88 -29.63 46.15
CA ALA A 44 5.26 -30.82 45.58
C ALA A 44 4.80 -31.74 46.71
N LYS A 45 5.63 -31.87 47.75
CA LYS A 45 5.29 -32.70 48.90
C LYS A 45 4.10 -32.10 49.63
N GLN A 46 4.09 -30.78 49.76
CA GLN A 46 3.00 -30.06 50.41
C GLN A 46 1.69 -30.18 49.60
N ASN A 47 1.80 -30.48 48.31
CA ASN A 47 0.64 -30.61 47.43
C ASN A 47 0.56 -32.00 46.82
N PRO A 48 0.39 -33.03 47.67
CA PRO A 48 0.31 -34.43 47.26
C PRO A 48 -0.72 -34.80 46.20
N ASN A 49 -1.84 -34.11 46.15
CA ASN A 49 -2.85 -34.48 45.16
C ASN A 49 -2.67 -33.88 43.76
N VAL A 50 -1.63 -33.06 43.58
CA VAL A 50 -1.39 -32.47 42.27
C VAL A 50 -0.58 -33.50 41.50
N LYS A 51 -1.11 -33.99 40.39
CA LYS A 51 -0.42 -35.00 39.59
C LYS A 51 0.60 -34.44 38.60
N MET A 52 1.42 -35.33 38.06
CA MET A 52 2.48 -34.95 37.13
C MET A 52 1.97 -33.99 36.06
N GLY A 53 2.73 -32.94 35.81
CA GLY A 53 2.33 -31.95 34.82
C GLY A 53 1.49 -30.84 35.43
N GLY A 54 1.33 -30.89 36.76
CA GLY A 54 0.54 -29.90 37.47
C GLY A 54 -0.95 -30.02 37.22
N ARG A 55 -1.47 -31.24 37.29
CA ARG A 55 -2.89 -31.51 37.07
C ARG A 55 -3.61 -31.91 38.36
N TYR A 56 -4.84 -31.45 38.51
CA TYR A 56 -5.64 -31.75 39.68
C TYR A 56 -7.12 -31.63 39.42
N ALA A 57 -7.88 -32.51 40.05
CA ALA A 57 -9.33 -32.50 39.97
C ALA A 57 -9.78 -33.02 41.33
N PRO A 58 -10.86 -32.47 41.89
CA PRO A 58 -11.29 -32.98 43.20
C PRO A 58 -11.67 -34.46 43.14
N ARG A 59 -11.36 -35.21 44.20
CA ARG A 59 -11.69 -36.62 44.19
C ARG A 59 -13.08 -36.95 44.72
N ASP A 60 -13.70 -35.99 45.39
CA ASP A 60 -15.03 -36.22 45.96
C ASP A 60 -16.20 -35.71 45.16
N CYS A 61 -15.94 -34.89 44.15
CA CYS A 61 -17.02 -34.35 43.33
C CYS A 61 -16.50 -33.91 41.96
N VAL A 62 -17.42 -33.73 41.01
CA VAL A 62 -17.09 -33.34 39.66
C VAL A 62 -17.18 -31.83 39.47
N SER A 63 -16.06 -31.20 39.14
CA SER A 63 -16.03 -29.77 38.90
C SER A 63 -16.50 -29.41 37.49
N PRO A 64 -17.33 -28.37 37.36
CA PRO A 64 -17.81 -27.95 36.04
C PRO A 64 -16.74 -27.05 35.42
N HIS A 65 -15.71 -26.74 36.20
CA HIS A 65 -14.65 -25.87 35.74
C HIS A 65 -13.42 -26.66 35.32
N LYS A 66 -13.25 -26.79 34.00
CA LYS A 66 -12.13 -27.50 33.39
C LYS A 66 -11.26 -26.37 32.89
N VAL A 67 -10.32 -26.01 33.76
CA VAL A 67 -9.44 -24.89 33.54
C VAL A 67 -7.97 -25.13 33.21
N ALA A 68 -7.51 -24.46 32.16
CA ALA A 68 -6.09 -24.55 31.80
C ALA A 68 -5.58 -23.16 32.16
N ILE A 69 -4.53 -23.12 32.99
CA ILE A 69 -3.94 -21.88 33.40
C ILE A 69 -2.67 -21.69 32.59
N ILE A 70 -2.66 -20.59 31.80
CA ILE A 70 -1.58 -20.28 30.89
C ILE A 70 -0.70 -19.14 31.34
N ILE A 71 0.59 -19.43 31.48
CA ILE A 71 1.54 -18.41 31.94
C ILE A 71 2.59 -18.11 30.85
N PRO A 72 2.64 -16.85 30.35
CA PRO A 72 3.62 -16.47 29.32
C PRO A 72 4.94 -16.41 30.07
N PHE A 73 6.02 -16.93 29.47
CA PHE A 73 7.25 -17.03 30.25
C PHE A 73 8.59 -17.05 29.53
N ARG A 74 9.60 -16.52 30.21
CA ARG A 74 11.00 -16.56 29.80
C ARG A 74 11.85 -15.96 30.89
N ASN A 75 12.76 -16.78 31.43
CA ASN A 75 13.69 -16.35 32.46
C ASN A 75 13.04 -15.76 33.72
N ARG A 76 11.99 -16.40 34.20
CA ARG A 76 11.29 -15.95 35.41
C ARG A 76 11.09 -17.13 36.34
N GLN A 77 12.09 -17.99 36.46
CA GLN A 77 11.97 -19.17 37.32
C GLN A 77 11.67 -18.85 38.78
N GLU A 78 12.35 -17.84 39.31
CA GLU A 78 12.15 -17.45 40.70
C GLU A 78 10.71 -17.02 40.94
N HIS A 79 10.19 -16.17 40.07
CA HIS A 79 8.80 -15.74 40.20
C HIS A 79 7.87 -16.94 40.10
N LEU A 80 8.16 -17.82 39.15
CA LEU A 80 7.35 -19.01 38.95
C LEU A 80 7.26 -19.87 40.21
N LYS A 81 8.37 -20.00 40.93
CA LYS A 81 8.38 -20.78 42.15
C LYS A 81 7.37 -20.18 43.13
N TYR A 82 7.39 -18.86 43.27
CA TYR A 82 6.43 -18.20 44.17
C TYR A 82 5.02 -18.45 43.67
N TRP A 83 4.83 -18.31 42.36
CA TRP A 83 3.51 -18.51 41.77
C TRP A 83 2.96 -19.90 42.13
N LEU A 84 3.78 -20.92 41.90
CA LEU A 84 3.36 -22.30 42.18
C LEU A 84 3.09 -22.55 43.66
N TYR A 85 3.96 -22.03 44.51
CA TYR A 85 3.81 -22.18 45.95
C TYR A 85 2.47 -21.60 46.42
N TYR A 86 2.10 -20.43 45.89
CA TYR A 86 0.85 -19.82 46.31
C TYR A 86 -0.41 -20.27 45.60
N LEU A 87 -0.37 -20.41 44.27
CA LEU A 87 -1.59 -20.79 43.55
C LEU A 87 -2.06 -22.22 43.70
N HIS A 88 -1.15 -23.19 43.73
CA HIS A 88 -1.62 -24.57 43.83
C HIS A 88 -2.60 -24.81 44.98
N PRO A 89 -2.28 -24.34 46.19
CA PRO A 89 -3.24 -24.57 47.30
C PRO A 89 -4.57 -23.87 47.04
N VAL A 90 -4.52 -22.67 46.45
CA VAL A 90 -5.74 -21.92 46.17
C VAL A 90 -6.63 -22.59 45.12
N LEU A 91 -6.01 -23.06 44.04
CA LEU A 91 -6.78 -23.69 42.96
C LEU A 91 -7.48 -24.97 43.43
N GLN A 92 -6.84 -25.72 44.32
CA GLN A 92 -7.45 -26.94 44.84
C GLN A 92 -8.62 -26.59 45.76
N ARG A 93 -8.46 -25.56 46.61
CA ARG A 93 -9.58 -25.16 47.48
C ARG A 93 -10.75 -24.69 46.64
N GLN A 94 -10.47 -24.12 45.46
CA GLN A 94 -11.54 -23.65 44.59
C GLN A 94 -12.19 -24.84 43.86
N GLN A 95 -11.72 -26.04 44.15
CA GLN A 95 -12.29 -27.25 43.58
C GLN A 95 -12.36 -27.25 42.04
N LEU A 96 -11.25 -26.87 41.41
CA LEU A 96 -11.17 -26.82 39.97
C LEU A 96 -10.54 -28.09 39.40
N ASP A 97 -10.90 -28.41 38.16
CA ASP A 97 -10.31 -29.56 37.44
C ASP A 97 -9.33 -28.76 36.58
N TYR A 98 -8.09 -28.62 37.03
CA TYR A 98 -7.14 -27.76 36.31
C TYR A 98 -5.79 -28.30 35.92
N GLY A 99 -5.11 -27.53 35.07
CA GLY A 99 -3.77 -27.87 34.62
C GLY A 99 -2.95 -26.59 34.46
N ILE A 100 -1.68 -26.64 34.83
CA ILE A 100 -0.81 -25.48 34.70
C ILE A 100 0.11 -25.64 33.48
N TYR A 101 0.16 -24.59 32.65
CA TYR A 101 1.01 -24.57 31.46
C TYR A 101 1.89 -23.33 31.43
N VAL A 102 3.21 -23.53 31.43
CA VAL A 102 4.14 -22.41 31.37
C VAL A 102 4.63 -22.40 29.92
N ILE A 103 4.34 -21.32 29.21
CA ILE A 103 4.74 -21.25 27.80
C ILE A 103 6.05 -20.49 27.74
N ASN A 104 7.13 -21.25 27.62
CA ASN A 104 8.47 -20.72 27.58
C ASN A 104 8.90 -20.30 26.17
N GLN A 105 9.22 -19.02 25.99
CA GLN A 105 9.64 -18.53 24.68
C GLN A 105 11.10 -18.90 24.41
N ALA A 106 11.31 -19.76 23.43
CA ALA A 106 12.67 -20.17 23.07
C ALA A 106 13.41 -18.99 22.48
N GLY A 107 14.74 -19.01 22.57
CA GLY A 107 15.54 -17.93 22.01
C GLY A 107 15.73 -16.69 22.87
N ASP A 108 16.41 -15.70 22.31
CA ASP A 108 16.68 -14.46 23.05
C ASP A 108 16.27 -13.23 22.28
N THR A 109 15.27 -13.35 21.41
CA THR A 109 14.81 -12.19 20.65
C THR A 109 13.60 -11.56 21.33
N ILE A 110 13.10 -10.45 20.78
CA ILE A 110 11.98 -9.74 21.39
C ILE A 110 10.80 -10.61 21.86
N PHE A 111 10.41 -10.40 23.11
CA PHE A 111 9.33 -11.11 23.76
C PHE A 111 7.95 -10.83 23.13
N ASN A 112 7.09 -11.85 23.12
CA ASN A 112 5.74 -11.70 22.58
C ASN A 112 4.76 -12.39 23.51
N ARG A 113 4.35 -11.68 24.54
CA ARG A 113 3.42 -12.19 25.54
C ARG A 113 2.15 -12.80 24.98
N ALA A 114 1.41 -12.03 24.17
CA ALA A 114 0.15 -12.52 23.63
C ALA A 114 0.26 -13.71 22.69
N LYS A 115 1.34 -13.78 21.91
CA LYS A 115 1.45 -14.93 21.01
C LYS A 115 1.66 -16.20 21.83
N LEU A 116 2.41 -16.08 22.92
CA LEU A 116 2.66 -17.24 23.79
C LEU A 116 1.35 -17.71 24.39
N LEU A 117 0.51 -16.74 24.76
CA LEU A 117 -0.80 -17.08 25.32
C LEU A 117 -1.62 -17.88 24.29
N ASN A 118 -1.56 -17.49 23.01
CA ASN A 118 -2.29 -18.25 21.98
C ASN A 118 -1.75 -19.68 21.86
N VAL A 119 -0.43 -19.83 21.95
CA VAL A 119 0.18 -21.16 21.90
C VAL A 119 -0.37 -22.01 23.07
N GLY A 120 -0.44 -21.38 24.25
CA GLY A 120 -0.95 -22.07 25.43
C GLY A 120 -2.34 -22.63 25.23
N PHE A 121 -3.22 -21.80 24.67
CA PHE A 121 -4.59 -22.21 24.41
C PHE A 121 -4.63 -23.43 23.50
N GLN A 122 -3.95 -23.32 22.37
CA GLN A 122 -3.93 -24.40 21.38
C GLN A 122 -3.29 -25.69 21.87
N GLU A 123 -2.19 -25.56 22.59
CA GLU A 123 -1.50 -26.75 23.08
C GLU A 123 -2.21 -27.44 24.25
N ALA A 124 -2.75 -26.67 25.20
CA ALA A 124 -3.43 -27.28 26.34
C ALA A 124 -4.64 -28.09 25.87
N LEU A 125 -5.29 -27.62 24.81
CA LEU A 125 -6.46 -28.32 24.27
C LEU A 125 -6.10 -29.72 23.75
N LYS A 126 -4.84 -29.91 23.37
CA LYS A 126 -4.37 -31.20 22.87
C LYS A 126 -4.24 -32.18 24.04
N ASP A 127 -4.19 -31.65 25.26
CA ASP A 127 -4.05 -32.45 26.48
C ASP A 127 -5.34 -32.96 27.08
N TYR A 128 -6.34 -32.10 27.08
CA TYR A 128 -7.59 -32.42 27.76
C TYR A 128 -8.69 -31.50 27.22
N ASP A 129 -9.95 -31.87 27.41
CA ASP A 129 -11.05 -31.05 26.96
C ASP A 129 -11.30 -29.82 27.88
N TYR A 130 -10.33 -28.93 27.99
CA TYR A 130 -10.50 -27.73 28.82
C TYR A 130 -11.57 -26.84 28.18
N THR A 131 -12.39 -26.18 28.99
CA THR A 131 -13.42 -25.30 28.47
C THR A 131 -13.28 -23.90 29.05
N CYS A 132 -12.20 -23.69 29.80
CA CYS A 132 -11.93 -22.41 30.42
C CYS A 132 -10.43 -22.14 30.45
N PHE A 133 -10.03 -20.91 30.17
CA PHE A 133 -8.62 -20.55 30.15
C PHE A 133 -8.30 -19.33 30.98
N VAL A 134 -7.41 -19.52 31.95
CA VAL A 134 -6.97 -18.40 32.78
C VAL A 134 -5.60 -18.03 32.26
N PHE A 135 -5.45 -16.76 31.89
CA PHE A 135 -4.17 -16.25 31.39
C PHE A 135 -3.60 -15.40 32.51
N SER A 136 -2.45 -15.81 33.04
CA SER A 136 -1.84 -15.12 34.15
C SER A 136 -0.36 -14.80 34.00
N ASP A 137 0.00 -13.55 34.28
CA ASP A 137 1.41 -13.17 34.28
C ASP A 137 1.99 -13.99 35.45
N VAL A 138 3.28 -14.28 35.38
CA VAL A 138 3.97 -15.11 36.37
C VAL A 138 4.22 -14.48 37.74
N ASP A 139 4.13 -13.16 37.80
CA ASP A 139 4.41 -12.43 39.03
C ASP A 139 3.18 -11.87 39.74
N LEU A 140 2.00 -12.39 39.46
CA LEU A 140 0.78 -11.89 40.12
C LEU A 140 0.17 -12.98 40.99
N ILE A 141 0.02 -12.66 42.28
CA ILE A 141 -0.52 -13.60 43.25
C ILE A 141 -1.79 -13.07 43.89
N PRO A 142 -2.90 -13.84 43.84
CA PRO A 142 -4.15 -13.36 44.45
C PRO A 142 -4.04 -13.37 45.97
N MET A 143 -4.63 -12.37 46.63
CA MET A 143 -4.59 -12.29 48.09
C MET A 143 -5.84 -12.85 48.78
N ASN A 144 -6.85 -13.20 48.00
CA ASN A 144 -8.09 -13.70 48.58
C ASN A 144 -8.57 -14.86 47.71
N ASP A 145 -8.73 -16.04 48.31
CA ASP A 145 -9.13 -17.20 47.52
C ASP A 145 -10.56 -17.18 47.05
N HIS A 146 -11.28 -16.11 47.37
CA HIS A 146 -12.64 -15.96 46.88
C HIS A 146 -12.58 -15.39 45.46
N ASN A 147 -11.39 -15.00 45.02
CA ASN A 147 -11.21 -14.45 43.67
C ASN A 147 -11.07 -15.70 42.78
N ALA A 148 -12.19 -16.08 42.16
CA ALA A 148 -12.28 -17.29 41.33
C ALA A 148 -11.42 -17.32 40.07
N TYR A 149 -10.58 -18.35 39.98
CA TYR A 149 -9.70 -18.54 38.83
C TYR A 149 -10.37 -19.49 37.83
N ARG A 150 -11.57 -19.10 37.39
CA ARG A 150 -12.32 -19.87 36.42
C ARG A 150 -13.19 -18.93 35.61
N CYS A 151 -13.93 -19.48 34.66
CA CYS A 151 -14.74 -18.69 33.76
C CYS A 151 -16.17 -18.35 34.17
N PHE A 152 -16.67 -17.25 33.60
CA PHE A 152 -18.02 -16.76 33.87
C PHE A 152 -18.78 -16.57 32.55
N SER A 153 -20.02 -16.09 32.61
CA SER A 153 -20.79 -15.92 31.39
C SER A 153 -20.17 -14.83 30.49
N GLN A 154 -19.37 -13.95 31.09
CA GLN A 154 -18.67 -12.92 30.33
C GLN A 154 -17.20 -13.03 30.67
N PRO A 155 -16.30 -12.44 29.84
CA PRO A 155 -14.86 -12.47 30.08
C PRO A 155 -14.62 -11.94 31.48
N ARG A 156 -13.69 -12.58 32.21
CA ARG A 156 -13.43 -12.21 33.60
C ARG A 156 -12.06 -11.59 33.83
N HIS A 157 -12.04 -10.39 34.42
CA HIS A 157 -10.77 -9.73 34.75
C HIS A 157 -10.60 -10.12 36.21
N ILE A 158 -9.48 -10.77 36.51
CA ILE A 158 -9.21 -11.28 37.86
C ILE A 158 -8.31 -10.40 38.74
N SER A 159 -7.21 -9.92 38.18
CA SER A 159 -6.30 -9.10 38.96
C SER A 159 -6.75 -7.64 38.94
N VAL A 160 -7.89 -7.38 39.57
CA VAL A 160 -8.47 -6.06 39.56
C VAL A 160 -7.93 -5.00 40.52
N ALA A 161 -7.28 -5.42 41.60
CA ALA A 161 -6.76 -4.44 42.56
C ALA A 161 -5.36 -4.82 43.00
N MET A 162 -4.41 -4.53 42.11
CA MET A 162 -3.00 -4.82 42.31
C MET A 162 -2.35 -3.80 43.19
N ASP A 163 -1.44 -4.24 44.06
CA ASP A 163 -0.78 -3.30 44.93
C ASP A 163 -0.01 -2.27 44.14
N LYS A 164 0.60 -2.66 43.03
CA LYS A 164 1.35 -1.69 42.25
C LYS A 164 0.50 -0.59 41.65
N PHE A 165 -0.83 -0.74 41.66
CA PHE A 165 -1.71 0.32 41.16
C PHE A 165 -2.52 0.93 42.30
N GLY A 166 -2.01 0.80 43.53
CA GLY A 166 -2.72 1.36 44.66
C GLY A 166 -3.99 0.61 45.02
N PHE A 167 -4.01 -0.69 44.78
CA PHE A 167 -5.17 -1.51 45.08
C PHE A 167 -6.45 -1.07 44.39
N SER A 168 -6.34 -0.64 43.15
CA SER A 168 -7.51 -0.28 42.34
C SER A 168 -7.13 -0.46 40.87
N LEU A 169 -8.09 -0.31 39.97
CA LEU A 169 -7.78 -0.44 38.55
C LEU A 169 -7.02 0.79 38.08
N PRO A 170 -6.01 0.62 37.21
CA PRO A 170 -5.28 1.79 36.74
C PRO A 170 -6.19 2.70 35.89
N TYR A 171 -7.15 2.09 35.18
CA TYR A 171 -8.18 2.78 34.39
C TYR A 171 -9.31 1.75 34.26
N VAL A 172 -10.56 2.19 34.07
CA VAL A 172 -11.66 1.22 34.05
C VAL A 172 -11.67 0.21 32.94
N GLN A 173 -10.96 0.47 31.83
CA GLN A 173 -10.93 -0.52 30.77
C GLN A 173 -9.67 -1.40 30.82
N TYR A 174 -8.91 -1.29 31.90
CA TYR A 174 -7.70 -2.10 32.07
C TYR A 174 -8.09 -3.57 32.20
N PHE A 175 -7.44 -4.44 31.41
CA PHE A 175 -7.74 -5.86 31.39
C PHE A 175 -6.45 -6.69 31.47
N GLY A 176 -5.37 -6.09 31.96
CA GLY A 176 -4.12 -6.82 32.04
C GLY A 176 -3.91 -7.64 33.30
N GLY A 177 -2.81 -8.40 33.31
CA GLY A 177 -2.46 -9.18 34.48
C GLY A 177 -2.96 -10.61 34.50
N VAL A 178 -4.17 -10.78 34.99
CA VAL A 178 -4.78 -12.09 35.08
C VAL A 178 -6.21 -11.99 34.60
N SER A 179 -6.60 -12.89 33.70
CA SER A 179 -7.98 -12.87 33.21
C SER A 179 -8.37 -14.29 32.88
N ALA A 180 -9.67 -14.49 32.68
CA ALA A 180 -10.20 -15.79 32.35
C ALA A 180 -11.25 -15.69 31.24
N LEU A 181 -11.03 -16.46 30.18
CA LEU A 181 -11.98 -16.52 29.07
C LEU A 181 -12.41 -17.96 28.86
N SER A 182 -13.70 -18.18 28.63
CA SER A 182 -14.19 -19.54 28.35
C SER A 182 -13.65 -19.86 26.95
N LYS A 183 -13.69 -21.13 26.57
CA LYS A 183 -13.22 -21.53 25.23
C LYS A 183 -14.02 -20.77 24.17
N GLN A 184 -15.34 -20.67 24.35
CA GLN A 184 -16.16 -19.99 23.36
C GLN A 184 -15.84 -18.50 23.27
N GLN A 185 -15.61 -17.85 24.40
CA GLN A 185 -15.27 -16.43 24.39
C GLN A 185 -13.96 -16.23 23.62
N PHE A 186 -12.95 -17.04 23.95
CA PHE A 186 -11.66 -16.95 23.28
C PHE A 186 -11.80 -17.15 21.76
N LEU A 187 -12.53 -18.18 21.37
CA LEU A 187 -12.72 -18.47 19.95
C LEU A 187 -13.47 -17.34 19.25
N THR A 188 -14.44 -16.75 19.93
CA THR A 188 -15.22 -15.68 19.35
C THR A 188 -14.39 -14.44 19.00
N ILE A 189 -13.34 -14.16 19.75
CA ILE A 189 -12.51 -13.00 19.40
C ILE A 189 -11.28 -13.38 18.54
N ASN A 190 -11.25 -14.61 18.04
CA ASN A 190 -10.14 -15.10 17.22
C ASN A 190 -8.86 -15.06 18.07
N GLY A 191 -9.03 -15.34 19.35
CA GLY A 191 -7.90 -15.34 20.26
C GLY A 191 -7.25 -13.98 20.44
N PHE A 192 -5.97 -14.00 20.78
CA PHE A 192 -5.26 -12.75 21.00
C PHE A 192 -4.44 -12.33 19.80
N PRO A 193 -4.00 -11.07 19.77
CA PRO A 193 -3.20 -10.62 18.63
C PRO A 193 -1.82 -11.27 18.67
N ASN A 194 -1.25 -11.54 17.50
CA ASN A 194 0.09 -12.15 17.42
C ASN A 194 1.19 -11.14 17.16
N ASN A 195 0.83 -9.90 16.82
CA ASN A 195 1.87 -8.94 16.48
C ASN A 195 2.23 -7.83 17.45
N TYR A 196 1.99 -8.05 18.75
CA TYR A 196 2.39 -7.05 19.72
C TYR A 196 3.73 -7.55 20.30
N TRP A 197 4.83 -7.13 19.67
CA TRP A 197 6.15 -7.52 20.09
C TRP A 197 6.66 -6.48 21.06
N GLY A 198 7.23 -6.92 22.18
CA GLY A 198 7.69 -5.96 23.15
C GLY A 198 6.53 -5.60 24.07
N TRP A 199 6.83 -4.83 25.11
CA TRP A 199 5.86 -4.44 26.11
C TRP A 199 4.74 -3.49 25.71
N GLY A 200 3.56 -3.74 26.29
CA GLY A 200 2.43 -2.86 26.10
C GLY A 200 1.40 -3.00 25.01
N GLY A 201 0.18 -2.61 25.36
CA GLY A 201 -0.92 -2.60 24.43
C GLY A 201 -1.70 -3.86 24.09
N GLU A 202 -1.09 -5.03 24.16
CA GLU A 202 -1.80 -6.22 23.77
C GLU A 202 -3.03 -6.50 24.65
N ASP A 203 -2.95 -6.11 25.93
CA ASP A 203 -4.09 -6.33 26.83
C ASP A 203 -5.23 -5.38 26.45
N ASP A 204 -4.88 -4.17 26.01
CA ASP A 204 -5.91 -3.21 25.59
C ASP A 204 -6.52 -3.69 24.28
N ASP A 205 -5.70 -4.31 23.43
CA ASP A 205 -6.21 -4.83 22.18
C ASP A 205 -7.23 -5.92 22.48
N ILE A 206 -6.91 -6.75 23.46
CA ILE A 206 -7.81 -7.85 23.84
C ILE A 206 -9.13 -7.28 24.39
N PHE A 207 -9.03 -6.26 25.22
CA PHE A 207 -10.22 -5.60 25.76
C PHE A 207 -11.08 -5.18 24.54
N ASN A 208 -10.45 -4.51 23.57
CA ASN A 208 -11.17 -4.08 22.37
C ASN A 208 -11.87 -5.24 21.66
N ARG A 209 -11.17 -6.37 21.49
CA ARG A 209 -11.76 -7.53 20.82
C ARG A 209 -13.04 -7.98 21.52
N LEU A 210 -13.00 -8.06 22.84
CA LEU A 210 -14.16 -8.49 23.60
C LEU A 210 -15.35 -7.54 23.37
N VAL A 211 -15.11 -6.24 23.47
CA VAL A 211 -16.16 -5.25 23.27
C VAL A 211 -16.70 -5.32 21.84
N PHE A 212 -15.79 -5.41 20.87
CA PHE A 212 -16.21 -5.50 19.47
C PHE A 212 -16.99 -6.78 19.19
N ARG A 213 -16.99 -7.73 20.13
CA ARG A 213 -17.79 -8.94 19.92
C ARG A 213 -18.97 -9.01 20.89
N GLY A 214 -19.39 -7.85 21.37
CA GLY A 214 -20.56 -7.76 22.23
C GLY A 214 -20.45 -8.18 23.69
N MET A 215 -19.23 -8.33 24.20
CA MET A 215 -19.07 -8.77 25.56
C MET A 215 -18.74 -7.60 26.49
N SER A 216 -18.79 -7.85 27.80
CA SER A 216 -18.44 -6.81 28.76
C SER A 216 -17.57 -7.49 29.82
N ILE A 217 -16.80 -6.73 30.56
CA ILE A 217 -15.91 -7.34 31.53
C ILE A 217 -16.57 -7.61 32.88
N SER A 218 -16.42 -8.82 33.38
CA SER A 218 -16.94 -9.22 34.69
C SER A 218 -15.77 -9.15 35.66
N ARG A 219 -16.01 -8.66 36.87
CA ARG A 219 -14.93 -8.53 37.86
C ARG A 219 -15.39 -8.76 39.30
N PRO A 220 -14.51 -9.30 40.14
CA PRO A 220 -14.90 -9.49 41.55
C PRO A 220 -14.77 -8.06 42.13
N ASN A 221 -15.17 -7.83 43.38
CA ASN A 221 -15.03 -6.49 43.94
C ASN A 221 -13.56 -6.22 44.27
N ALA A 222 -13.24 -4.98 44.59
CA ALA A 222 -11.87 -4.59 44.86
C ALA A 222 -11.19 -5.27 46.05
N VAL A 223 -11.97 -5.69 47.03
CA VAL A 223 -11.35 -6.32 48.18
C VAL A 223 -10.98 -7.76 47.81
N VAL A 224 -11.93 -8.49 47.29
CA VAL A 224 -11.70 -9.87 46.88
C VAL A 224 -10.64 -9.92 45.77
N GLY A 225 -10.61 -8.88 44.93
CA GLY A 225 -9.69 -8.85 43.82
C GLY A 225 -8.28 -8.36 44.12
N THR A 226 -7.99 -8.13 45.39
CA THR A 226 -6.67 -7.67 45.78
C THR A 226 -5.63 -8.67 45.30
N THR A 227 -4.58 -8.14 44.69
CA THR A 227 -3.52 -8.95 44.11
C THR A 227 -2.14 -8.34 44.36
N ARG A 228 -1.14 -9.20 44.53
CA ARG A 228 0.21 -8.71 44.73
C ARG A 228 1.08 -8.95 43.49
N HIS A 229 1.87 -7.94 43.14
CA HIS A 229 2.80 -8.05 42.02
C HIS A 229 4.20 -8.13 42.63
N ILE A 230 4.97 -9.12 42.22
CA ILE A 230 6.33 -9.27 42.74
C ILE A 230 7.19 -8.19 42.11
N ARG A 231 7.67 -7.23 42.92
CA ARG A 231 8.49 -6.16 42.37
C ARG A 231 9.66 -6.76 41.60
N HIS A 232 9.94 -6.24 40.41
CA HIS A 232 11.03 -6.71 39.58
C HIS A 232 11.51 -5.58 38.68
N SER A 233 12.69 -5.73 38.10
CA SER A 233 13.19 -4.70 37.22
C SER A 233 12.84 -5.07 35.78
N ARG A 234 13.12 -4.17 34.85
CA ARG A 234 12.80 -4.41 33.45
C ARG A 234 13.61 -5.57 32.88
N ASP A 235 12.93 -6.48 32.19
CA ASP A 235 13.63 -7.58 31.57
C ASP A 235 14.15 -7.02 30.27
N LYS A 236 15.29 -7.54 29.80
CA LYS A 236 15.84 -7.08 28.54
C LYS A 236 14.99 -7.80 27.49
N LYS A 237 14.93 -7.25 26.28
CA LYS A 237 14.19 -7.86 25.17
C LYS A 237 12.67 -7.78 25.19
N ASN A 238 12.12 -6.87 25.98
CA ASN A 238 10.68 -6.68 26.02
C ASN A 238 10.42 -5.19 26.22
N GLU A 239 11.12 -4.41 25.40
CA GLU A 239 11.03 -2.96 25.44
C GLU A 239 9.66 -2.48 24.95
N PRO A 240 9.17 -1.38 25.53
CA PRO A 240 7.87 -0.83 25.14
C PRO A 240 7.73 -0.75 23.62
N ASN A 241 6.65 -1.32 23.11
CA ASN A 241 6.39 -1.32 21.68
C ASN A 241 5.87 0.05 21.24
N PRO A 242 6.64 0.76 20.40
CA PRO A 242 6.26 2.10 19.91
C PRO A 242 5.03 2.09 19.02
N GLN A 243 4.77 0.97 18.37
CA GLN A 243 3.61 0.88 17.49
C GLN A 243 2.32 0.46 18.21
N ARG A 244 2.40 0.31 19.53
CA ARG A 244 1.21 -0.13 20.28
C ARG A 244 0.01 0.80 20.23
N PHE A 245 0.24 2.11 20.34
CA PHE A 245 -0.87 3.06 20.32
C PHE A 245 -1.56 2.99 18.98
N ASP A 246 -0.77 2.82 17.94
CA ASP A 246 -1.33 2.74 16.60
C ASP A 246 -2.08 1.41 16.42
N ARG A 247 -1.52 0.32 16.93
CA ARG A 247 -2.17 -0.97 16.78
C ARG A 247 -3.51 -1.10 17.51
N ILE A 248 -3.62 -0.54 18.71
CA ILE A 248 -4.88 -0.67 19.43
C ILE A 248 -6.00 0.14 18.79
N ALA A 249 -5.63 1.10 17.94
CA ALA A 249 -6.64 1.92 17.28
C ALA A 249 -7.30 1.17 16.12
N HIS A 250 -6.71 0.06 15.68
CA HIS A 250 -7.29 -0.68 14.56
C HIS A 250 -7.71 -2.11 14.85
N THR A 251 -7.84 -2.45 16.14
CA THR A 251 -8.23 -3.81 16.53
C THR A 251 -9.45 -4.34 15.79
N LYS A 252 -10.51 -3.54 15.72
CA LYS A 252 -11.72 -4.00 15.06
C LYS A 252 -11.43 -4.60 13.70
N GLU A 253 -10.57 -3.96 12.93
CA GLU A 253 -10.24 -4.47 11.61
C GLU A 253 -9.22 -5.62 11.68
N THR A 254 -8.13 -5.42 12.42
CA THR A 254 -7.09 -6.44 12.49
C THR A 254 -7.42 -7.76 13.19
N MET A 255 -8.37 -7.75 14.12
CA MET A 255 -8.73 -8.99 14.83
C MET A 255 -9.34 -10.00 13.88
N LEU A 256 -9.90 -9.51 12.77
CA LEU A 256 -10.52 -10.42 11.79
C LEU A 256 -9.51 -11.40 11.16
N SER A 257 -8.28 -10.98 11.02
CA SER A 257 -7.29 -11.85 10.38
C SER A 257 -5.98 -12.04 11.13
N ASP A 258 -5.88 -11.51 12.34
CA ASP A 258 -4.69 -11.68 13.14
C ASP A 258 -5.07 -12.26 14.50
N GLY A 259 -4.67 -13.51 14.71
CA GLY A 259 -4.98 -14.20 15.95
C GLY A 259 -4.85 -15.69 15.73
N LEU A 260 -5.81 -16.46 16.25
CA LEU A 260 -5.79 -17.90 16.07
C LEU A 260 -5.75 -18.30 14.61
N ASN A 261 -6.55 -17.62 13.79
CA ASN A 261 -6.60 -17.97 12.37
C ASN A 261 -5.38 -17.54 11.55
N SER A 262 -4.31 -17.07 12.20
CA SER A 262 -3.11 -16.66 11.50
C SER A 262 -1.87 -17.09 12.30
N LEU A 263 -2.08 -18.01 13.23
CA LEU A 263 -1.03 -18.47 14.12
C LEU A 263 -0.22 -19.69 13.65
N THR A 264 1.10 -19.61 13.79
CA THR A 264 1.97 -20.77 13.54
C THR A 264 3.08 -20.62 14.58
N TYR A 265 3.68 -21.74 14.94
CA TYR A 265 4.77 -21.77 15.91
C TYR A 265 5.35 -23.18 15.86
N GLN A 266 6.49 -23.37 16.49
CA GLN A 266 7.06 -24.71 16.52
C GLN A 266 7.41 -25.09 17.95
N VAL A 267 6.76 -26.12 18.49
CA VAL A 267 7.08 -26.54 19.85
C VAL A 267 8.43 -27.25 19.81
N LEU A 268 9.39 -26.79 20.63
CA LEU A 268 10.71 -27.42 20.67
C LEU A 268 10.80 -28.48 21.74
N ASP A 269 10.00 -28.35 22.80
CA ASP A 269 10.05 -29.32 23.89
C ASP A 269 8.87 -29.19 24.86
N VAL A 270 8.42 -30.33 25.40
CA VAL A 270 7.35 -30.37 26.38
C VAL A 270 7.90 -31.11 27.61
N GLN A 271 7.91 -30.46 28.77
CA GLN A 271 8.42 -31.07 30.01
C GLN A 271 7.30 -31.23 31.03
N ARG A 272 7.08 -32.44 31.51
CA ARG A 272 6.05 -32.66 32.51
C ARG A 272 6.68 -32.63 33.89
N TYR A 273 6.62 -31.49 34.55
CA TYR A 273 7.16 -31.40 35.88
C TYR A 273 6.06 -31.75 36.88
N PRO A 274 6.45 -32.04 38.13
CA PRO A 274 5.41 -32.38 39.11
C PRO A 274 4.32 -31.29 39.23
N LEU A 275 4.73 -30.03 39.27
CA LEU A 275 3.77 -28.94 39.48
C LEU A 275 3.32 -28.14 38.25
N TYR A 276 3.78 -28.54 37.07
CA TYR A 276 3.41 -27.84 35.85
C TYR A 276 4.00 -28.46 34.61
N THR A 277 3.39 -28.12 33.48
CA THR A 277 3.85 -28.58 32.19
C THR A 277 4.49 -27.36 31.56
N GLN A 278 5.72 -27.51 31.07
CA GLN A 278 6.39 -26.40 30.41
C GLN A 278 6.56 -26.69 28.92
N ILE A 279 6.01 -25.80 28.10
CA ILE A 279 6.09 -25.96 26.67
C ILE A 279 7.05 -24.91 26.16
N THR A 280 8.19 -25.37 25.65
CA THR A 280 9.20 -24.44 25.12
C THR A 280 8.87 -24.34 23.65
N VAL A 281 8.67 -23.12 23.18
CA VAL A 281 8.25 -22.90 21.81
C VAL A 281 8.97 -21.77 21.09
N ASP A 282 9.14 -21.94 19.79
CA ASP A 282 9.78 -20.96 18.93
C ASP A 282 8.62 -20.22 18.26
N ILE A 283 8.42 -18.96 18.63
CA ILE A 283 7.34 -18.18 18.04
C ILE A 283 7.88 -17.17 17.02
N GLY A 284 9.15 -17.32 16.67
CA GLY A 284 9.75 -16.44 15.67
C GLY A 284 9.98 -15.01 16.06
N THR A 285 10.11 -14.17 15.02
CA THR A 285 10.35 -12.75 15.17
C THR A 285 9.38 -12.00 14.23
N PRO A 286 9.27 -10.67 14.36
CA PRO A 286 8.34 -9.92 13.52
C PRO A 286 8.40 -10.20 12.02
N SER A 287 7.23 -10.29 11.40
CA SER A 287 7.16 -10.53 9.96
C SER A 287 6.47 -9.34 9.32
N LEU B 16 -29.49 -16.08 -23.00
CA LEU B 16 -28.44 -15.01 -22.86
C LEU B 16 -27.36 -15.24 -23.90
N PRO B 17 -27.03 -14.20 -24.70
CA PRO B 17 -26.00 -14.33 -25.73
C PRO B 17 -24.58 -14.32 -25.19
N ALA B 18 -23.64 -14.70 -26.03
CA ALA B 18 -22.24 -14.68 -25.64
C ALA B 18 -21.80 -13.22 -25.71
N CYS B 19 -20.90 -12.81 -24.83
CA CYS B 19 -20.39 -11.44 -24.87
C CYS B 19 -19.59 -11.27 -26.15
N PRO B 20 -19.47 -10.03 -26.65
CA PRO B 20 -18.68 -9.89 -27.87
C PRO B 20 -17.26 -10.35 -27.57
N GLU B 21 -16.56 -10.86 -28.59
CA GLU B 21 -15.19 -11.35 -28.40
C GLU B 21 -14.30 -10.42 -27.60
N GLU B 22 -14.34 -9.12 -27.91
CA GLU B 22 -13.56 -8.16 -27.17
C GLU B 22 -14.58 -7.23 -26.54
N SER B 23 -14.34 -6.82 -25.31
CA SER B 23 -15.29 -5.95 -24.65
C SER B 23 -15.40 -4.57 -25.31
N PRO B 24 -16.62 -4.09 -25.50
CA PRO B 24 -16.83 -2.77 -26.11
C PRO B 24 -16.86 -1.68 -25.05
N LEU B 25 -16.69 -2.07 -23.79
CA LEU B 25 -16.75 -1.12 -22.69
C LEU B 25 -15.43 -0.49 -22.26
N LEU B 26 -14.32 -0.97 -22.82
CA LEU B 26 -12.99 -0.50 -22.46
C LEU B 26 -12.69 0.97 -22.74
N VAL B 27 -11.97 1.63 -21.83
CA VAL B 27 -11.64 3.03 -22.03
C VAL B 27 -10.16 3.25 -22.35
N GLY B 28 -9.35 2.19 -22.23
CA GLY B 28 -7.92 2.32 -22.52
C GLY B 28 -7.12 2.87 -21.35
N PRO B 29 -6.24 3.88 -21.60
CA PRO B 29 -5.38 4.52 -20.59
C PRO B 29 -6.17 5.10 -19.43
N MET B 30 -5.75 4.82 -18.20
CA MET B 30 -6.44 5.32 -17.01
C MET B 30 -5.48 6.07 -16.11
N LEU B 31 -6.02 6.86 -15.19
CA LEU B 31 -5.19 7.61 -14.28
C LEU B 31 -5.08 6.79 -12.99
N ILE B 32 -3.85 6.39 -12.64
CA ILE B 32 -3.61 5.58 -11.44
C ILE B 32 -2.86 6.35 -10.36
N GLU B 33 -3.42 6.41 -9.15
CA GLU B 33 -2.78 7.14 -8.05
C GLU B 33 -2.85 6.42 -6.70
N PHE B 34 -1.81 6.56 -5.89
CA PHE B 34 -1.76 5.91 -4.59
C PHE B 34 -1.55 6.88 -3.42
N ASN B 35 -1.96 8.14 -3.59
CA ASN B 35 -1.74 9.11 -2.51
C ASN B 35 -2.98 9.43 -1.69
N MET B 36 -4.11 8.78 -1.99
CA MET B 36 -5.34 9.04 -1.24
C MET B 36 -5.77 7.82 -0.44
N PRO B 37 -6.60 8.04 0.60
CA PRO B 37 -7.07 6.91 1.41
C PRO B 37 -8.12 6.13 0.64
N VAL B 38 -8.31 4.86 0.99
CA VAL B 38 -9.29 4.02 0.32
C VAL B 38 -10.14 3.36 1.36
N ASP B 39 -11.45 3.46 1.17
CA ASP B 39 -12.43 2.87 2.07
C ASP B 39 -13.12 1.74 1.30
N LEU B 40 -12.89 0.49 1.71
CA LEU B 40 -13.48 -0.64 1.02
C LEU B 40 -15.01 -0.70 1.08
N GLU B 41 -15.62 -0.07 2.08
CA GLU B 41 -17.08 -0.04 2.14
C GLU B 41 -17.57 0.83 0.99
N LEU B 42 -16.82 1.90 0.72
CA LEU B 42 -17.14 2.81 -0.37
C LEU B 42 -16.87 2.12 -1.71
N VAL B 43 -15.77 1.36 -1.78
CA VAL B 43 -15.43 0.68 -3.01
C VAL B 43 -16.54 -0.31 -3.37
N ALA B 44 -17.05 -1.02 -2.37
CA ALA B 44 -18.12 -1.98 -2.64
C ALA B 44 -19.37 -1.25 -3.13
N LYS B 45 -19.64 -0.07 -2.59
CA LYS B 45 -20.82 0.68 -3.03
C LYS B 45 -20.68 1.16 -4.46
N GLN B 46 -19.44 1.38 -4.90
CA GLN B 46 -19.20 1.84 -6.26
C GLN B 46 -19.14 0.66 -7.23
N ASN B 47 -19.17 -0.55 -6.66
CA ASN B 47 -19.14 -1.79 -7.42
C ASN B 47 -20.26 -2.69 -6.91
N PRO B 48 -21.50 -2.19 -7.00
CA PRO B 48 -22.70 -2.91 -6.53
C PRO B 48 -22.94 -4.28 -7.15
N ASN B 49 -22.44 -4.51 -8.37
CA ASN B 49 -22.66 -5.80 -9.01
C ASN B 49 -21.70 -6.89 -8.57
N VAL B 50 -20.67 -6.53 -7.82
CA VAL B 50 -19.74 -7.52 -7.31
C VAL B 50 -20.40 -8.17 -6.11
N LYS B 51 -20.51 -9.50 -6.16
CA LYS B 51 -21.14 -10.30 -5.11
C LYS B 51 -20.19 -10.77 -4.01
N MET B 52 -20.77 -11.24 -2.91
CA MET B 52 -19.98 -11.69 -1.75
C MET B 52 -18.84 -12.60 -2.18
N GLY B 53 -17.67 -12.36 -1.60
CA GLY B 53 -16.49 -13.15 -1.93
C GLY B 53 -15.74 -12.57 -3.13
N GLY B 54 -16.19 -11.41 -3.60
CA GLY B 54 -15.58 -10.77 -4.75
C GLY B 54 -15.82 -11.51 -6.06
N ARG B 55 -17.08 -11.88 -6.31
CA ARG B 55 -17.46 -12.64 -7.51
C ARG B 55 -18.31 -11.78 -8.44
N TYR B 56 -18.10 -11.96 -9.73
CA TYR B 56 -18.85 -11.18 -10.71
C TYR B 56 -18.91 -11.85 -12.07
N ALA B 57 -20.02 -11.66 -12.77
CA ALA B 57 -20.16 -12.15 -14.13
C ALA B 57 -21.15 -11.20 -14.78
N PRO B 58 -20.94 -10.87 -16.07
CA PRO B 58 -21.90 -9.94 -16.68
C PRO B 58 -23.36 -10.41 -16.67
N ARG B 59 -24.24 -9.44 -16.49
CA ARG B 59 -25.66 -9.71 -16.44
C ARG B 59 -26.29 -9.83 -17.82
N ASP B 60 -25.71 -9.16 -18.82
CA ASP B 60 -26.28 -9.16 -20.15
C ASP B 60 -25.75 -10.15 -21.18
N CYS B 61 -24.65 -10.84 -20.87
CA CYS B 61 -24.08 -11.80 -21.81
C CYS B 61 -23.23 -12.81 -21.06
N VAL B 62 -22.88 -13.90 -21.74
CA VAL B 62 -22.07 -14.97 -21.15
C VAL B 62 -20.61 -14.86 -21.52
N SER B 63 -19.75 -14.85 -20.51
CA SER B 63 -18.32 -14.75 -20.73
C SER B 63 -17.62 -16.09 -20.88
N PRO B 64 -16.72 -16.22 -21.87
CA PRO B 64 -15.99 -17.48 -22.07
C PRO B 64 -14.82 -17.51 -21.09
N HIS B 65 -14.56 -16.37 -20.45
CA HIS B 65 -13.46 -16.30 -19.49
C HIS B 65 -13.91 -16.51 -18.05
N LYS B 66 -13.58 -17.68 -17.50
CA LYS B 66 -13.91 -18.03 -16.11
C LYS B 66 -12.58 -17.96 -15.39
N VAL B 67 -12.36 -16.80 -14.78
CA VAL B 67 -11.11 -16.45 -14.17
C VAL B 67 -10.98 -16.34 -12.66
N ALA B 68 -9.99 -17.02 -12.09
CA ALA B 68 -9.72 -16.88 -10.65
C ALA B 68 -8.47 -15.99 -10.57
N ILE B 69 -8.56 -14.88 -9.85
CA ILE B 69 -7.40 -14.01 -9.70
C ILE B 69 -6.86 -14.31 -8.31
N ILE B 70 -5.61 -14.79 -8.29
CA ILE B 70 -4.93 -15.22 -7.09
C ILE B 70 -3.85 -14.23 -6.68
N ILE B 71 -3.90 -13.80 -5.42
CA ILE B 71 -2.95 -12.83 -4.91
C ILE B 71 -2.22 -13.40 -3.70
N PRO B 72 -0.89 -13.52 -3.77
CA PRO B 72 -0.09 -14.06 -2.67
C PRO B 72 -0.05 -12.93 -1.63
N PHE B 73 -0.23 -13.26 -0.36
CA PHE B 73 -0.35 -12.17 0.60
C PHE B 73 0.00 -12.39 2.07
N ARG B 74 0.52 -11.33 2.69
CA ARG B 74 0.75 -11.29 4.13
C ARG B 74 1.09 -9.86 4.50
N ASN B 75 0.29 -9.29 5.40
CA ASN B 75 0.54 -7.94 5.90
C ASN B 75 0.63 -6.85 4.82
N ARG B 76 -0.25 -6.89 3.84
CA ARG B 76 -0.25 -5.88 2.78
C ARG B 76 -1.66 -5.32 2.60
N GLN B 77 -2.39 -5.14 3.70
CA GLN B 77 -3.75 -4.66 3.59
C GLN B 77 -3.90 -3.33 2.85
N GLU B 78 -3.02 -2.37 3.11
CA GLU B 78 -3.12 -1.08 2.45
C GLU B 78 -2.97 -1.22 0.93
N HIS B 79 -2.04 -2.07 0.50
CA HIS B 79 -1.85 -2.30 -0.93
C HIS B 79 -3.10 -2.95 -1.53
N LEU B 80 -3.61 -3.99 -0.86
CA LEU B 80 -4.80 -4.68 -1.34
C LEU B 80 -5.97 -3.71 -1.53
N LYS B 81 -6.09 -2.70 -0.67
CA LYS B 81 -7.20 -1.75 -0.82
C LYS B 81 -7.09 -1.00 -2.15
N TYR B 82 -5.87 -0.59 -2.52
CA TYR B 82 -5.67 0.07 -3.80
C TYR B 82 -5.92 -0.93 -4.92
N TRP B 83 -5.46 -2.17 -4.74
CA TRP B 83 -5.65 -3.17 -5.78
C TRP B 83 -7.15 -3.40 -6.07
N LEU B 84 -7.93 -3.55 -5.02
CA LEU B 84 -9.36 -3.78 -5.19
C LEU B 84 -10.05 -2.57 -5.82
N TYR B 85 -9.70 -1.38 -5.34
CA TYR B 85 -10.24 -0.12 -5.86
C TYR B 85 -10.04 0.02 -7.37
N TYR B 86 -8.83 -0.30 -7.83
CA TYR B 86 -8.53 -0.21 -9.25
C TYR B 86 -8.96 -1.40 -10.11
N LEU B 87 -8.68 -2.62 -9.66
CA LEU B 87 -9.03 -3.77 -10.48
C LEU B 87 -10.51 -4.11 -10.63
N HIS B 88 -11.31 -4.01 -9.58
CA HIS B 88 -12.69 -4.40 -9.75
C HIS B 88 -13.39 -3.70 -10.93
N PRO B 89 -13.21 -2.38 -11.08
CA PRO B 89 -13.88 -1.74 -12.22
C PRO B 89 -13.35 -2.25 -13.55
N VAL B 90 -12.05 -2.54 -13.60
CA VAL B 90 -11.42 -3.02 -14.83
C VAL B 90 -11.89 -4.41 -15.21
N LEU B 91 -11.90 -5.32 -14.24
CA LEU B 91 -12.32 -6.69 -14.53
C LEU B 91 -13.77 -6.73 -15.02
N GLN B 92 -14.62 -5.87 -14.48
CA GLN B 92 -16.01 -5.83 -14.92
C GLN B 92 -16.10 -5.24 -16.33
N ARG B 93 -15.31 -4.22 -16.64
CA ARG B 93 -15.36 -3.66 -17.99
C ARG B 93 -14.86 -4.69 -19.00
N GLN B 94 -14.00 -5.60 -18.55
CA GLN B 94 -13.48 -6.63 -19.45
C GLN B 94 -14.47 -7.78 -19.63
N GLN B 95 -15.62 -7.66 -18.99
CA GLN B 95 -16.69 -8.65 -19.09
C GLN B 95 -16.28 -10.08 -18.74
N LEU B 96 -15.52 -10.21 -17.66
CA LEU B 96 -15.04 -11.49 -17.17
C LEU B 96 -15.99 -12.10 -16.13
N ASP B 97 -15.99 -13.43 -16.04
CA ASP B 97 -16.78 -14.17 -15.04
C ASP B 97 -15.61 -14.45 -14.09
N TYR B 98 -15.48 -13.64 -13.03
CA TYR B 98 -14.32 -13.79 -12.15
C TYR B 98 -14.53 -13.83 -10.65
N GLY B 99 -13.46 -14.22 -9.95
CA GLY B 99 -13.44 -14.30 -8.50
C GLY B 99 -12.07 -13.86 -7.98
N ILE B 100 -12.05 -13.14 -6.86
CA ILE B 100 -10.80 -12.67 -6.26
C ILE B 100 -10.43 -13.51 -5.06
N TYR B 101 -9.19 -14.01 -5.05
CA TYR B 101 -8.69 -14.83 -3.95
C TYR B 101 -7.37 -14.32 -3.39
N VAL B 102 -7.40 -13.94 -2.12
CA VAL B 102 -6.22 -13.45 -1.42
C VAL B 102 -5.74 -14.63 -0.58
N ILE B 103 -4.55 -15.13 -0.89
CA ILE B 103 -3.97 -16.27 -0.17
C ILE B 103 -3.03 -15.69 0.87
N ASN B 104 -3.55 -15.61 2.09
CA ASN B 104 -2.84 -15.05 3.24
C ASN B 104 -1.98 -16.10 3.94
N GLN B 105 -0.67 -15.84 4.00
CA GLN B 105 0.23 -16.79 4.67
C GLN B 105 0.17 -16.61 6.19
N ALA B 106 -0.23 -17.67 6.88
CA ALA B 106 -0.32 -17.64 8.35
C ALA B 106 1.08 -17.65 8.96
N GLY B 107 1.20 -17.14 10.19
CA GLY B 107 2.49 -17.17 10.86
C GLY B 107 3.48 -16.07 10.55
N ASP B 108 4.66 -16.18 11.17
CA ASP B 108 5.71 -15.19 11.02
C ASP B 108 7.03 -15.73 10.47
N THR B 109 6.99 -16.86 9.78
CA THR B 109 8.24 -17.37 9.22
C THR B 109 8.41 -16.92 7.75
N ILE B 110 9.52 -17.32 7.13
CA ILE B 110 9.82 -16.90 5.76
C ILE B 110 8.69 -17.08 4.75
N PHE B 111 8.45 -16.01 3.97
CA PHE B 111 7.41 -15.96 2.94
C PHE B 111 7.71 -16.93 1.80
N ASN B 112 6.66 -17.49 1.22
CA ASN B 112 6.79 -18.40 0.09
C ASN B 112 5.72 -18.06 -0.92
N ARG B 113 6.02 -17.05 -1.74
CA ARG B 113 5.10 -16.57 -2.75
C ARG B 113 4.49 -17.64 -3.67
N ALA B 114 5.34 -18.42 -4.33
CA ALA B 114 4.87 -19.44 -5.26
C ALA B 114 3.98 -20.52 -4.63
N LYS B 115 4.33 -20.95 -3.41
CA LYS B 115 3.51 -21.98 -2.77
C LYS B 115 2.11 -21.40 -2.50
N LEU B 116 2.04 -20.14 -2.12
CA LEU B 116 0.74 -19.52 -1.87
C LEU B 116 -0.08 -19.50 -3.18
N LEU B 117 0.59 -19.31 -4.31
CA LEU B 117 -0.14 -19.30 -5.58
C LEU B 117 -0.72 -20.70 -5.88
N ASN B 118 0.03 -21.77 -5.58
CA ASN B 118 -0.47 -23.14 -5.80
C ASN B 118 -1.71 -23.37 -4.92
N VAL B 119 -1.65 -22.89 -3.68
CA VAL B 119 -2.80 -23.04 -2.79
C VAL B 119 -3.99 -22.35 -3.46
N GLY B 120 -3.77 -21.15 -3.97
CA GLY B 120 -4.85 -20.42 -4.63
C GLY B 120 -5.50 -21.19 -5.74
N PHE B 121 -4.67 -21.80 -6.59
CA PHE B 121 -5.17 -22.59 -7.71
C PHE B 121 -6.08 -23.72 -7.22
N GLN B 122 -5.55 -24.52 -6.30
CA GLN B 122 -6.29 -25.67 -5.78
C GLN B 122 -7.55 -25.29 -5.02
N GLU B 123 -7.47 -24.28 -4.17
CA GLU B 123 -8.62 -23.85 -3.40
C GLU B 123 -9.71 -23.16 -4.24
N ALA B 124 -9.31 -22.30 -5.18
CA ALA B 124 -10.31 -21.60 -5.99
C ALA B 124 -11.15 -22.62 -6.76
N LEU B 125 -10.53 -23.69 -7.20
CA LEU B 125 -11.24 -24.72 -7.95
C LEU B 125 -12.35 -25.40 -7.13
N LYS B 126 -12.27 -25.31 -5.80
CA LYS B 126 -13.30 -25.92 -4.96
C LYS B 126 -14.58 -25.08 -4.98
N ASP B 127 -14.45 -23.83 -5.41
CA ASP B 127 -15.58 -22.90 -5.48
C ASP B 127 -16.35 -22.93 -6.77
N TYR B 128 -15.61 -23.02 -7.88
CA TYR B 128 -16.22 -22.90 -9.19
C TYR B 128 -15.32 -23.56 -10.22
N ASP B 129 -15.87 -23.86 -11.38
CA ASP B 129 -15.06 -24.50 -12.41
C ASP B 129 -14.30 -23.46 -13.24
N TYR B 130 -13.33 -22.81 -12.59
CA TYR B 130 -12.49 -21.80 -13.26
C TYR B 130 -11.61 -22.49 -14.29
N THR B 131 -11.40 -21.87 -15.44
CA THR B 131 -10.53 -22.44 -16.46
C THR B 131 -9.34 -21.53 -16.75
N CYS B 132 -9.26 -20.41 -16.04
CA CYS B 132 -8.17 -19.45 -16.22
C CYS B 132 -7.76 -18.88 -14.89
N PHE B 133 -6.44 -18.79 -14.69
CA PHE B 133 -5.89 -18.27 -13.45
C PHE B 133 -4.93 -17.14 -13.66
N VAL B 134 -5.25 -16.00 -13.04
CA VAL B 134 -4.38 -14.85 -13.11
C VAL B 134 -3.69 -14.78 -11.76
N PHE B 135 -2.36 -14.75 -11.79
CA PHE B 135 -1.57 -14.64 -10.57
C PHE B 135 -1.01 -13.23 -10.53
N SER B 136 -1.41 -12.45 -9.51
CA SER B 136 -0.98 -11.07 -9.42
C SER B 136 -0.42 -10.67 -8.07
N ASP B 137 0.73 -10.00 -8.07
CA ASP B 137 1.24 -9.51 -6.82
C ASP B 137 0.21 -8.48 -6.38
N VAL B 138 0.15 -8.19 -5.09
CA VAL B 138 -0.84 -7.26 -4.54
C VAL B 138 -0.59 -5.77 -4.83
N ASP B 139 0.62 -5.44 -5.26
CA ASP B 139 0.97 -4.03 -5.50
C ASP B 139 1.16 -3.60 -6.95
N LEU B 140 0.57 -4.35 -7.88
CA LEU B 140 0.71 -4.00 -9.28
C LEU B 140 -0.67 -3.67 -9.86
N ILE B 141 -0.77 -2.49 -10.47
CA ILE B 141 -2.03 -2.02 -11.03
C ILE B 141 -1.84 -1.75 -12.51
N PRO B 142 -2.68 -2.33 -13.37
CA PRO B 142 -2.54 -2.09 -14.82
C PRO B 142 -3.01 -0.66 -15.12
N MET B 143 -2.36 0.00 -16.07
CA MET B 143 -2.72 1.38 -16.42
C MET B 143 -3.61 1.50 -17.64
N ASN B 144 -3.83 0.39 -18.34
CA ASN B 144 -4.65 0.41 -19.54
C ASN B 144 -5.57 -0.82 -19.52
N ASP B 145 -6.88 -0.61 -19.54
CA ASP B 145 -7.80 -1.75 -19.47
C ASP B 145 -7.85 -2.63 -20.70
N HIS B 146 -7.06 -2.30 -21.73
CA HIS B 146 -6.97 -3.15 -22.91
C HIS B 146 -6.00 -4.29 -22.57
N ASN B 147 -5.38 -4.22 -21.38
CA ASN B 147 -4.45 -5.28 -20.97
C ASN B 147 -5.35 -6.36 -20.35
N ALA B 148 -5.67 -7.40 -21.12
CA ALA B 148 -6.60 -8.43 -20.67
C ALA B 148 -6.19 -9.29 -19.49
N TYR B 149 -7.04 -9.34 -18.46
CA TYR B 149 -6.76 -10.18 -17.30
C TYR B 149 -7.44 -11.55 -17.46
N ARG B 150 -7.04 -12.25 -18.53
CA ARG B 150 -7.56 -13.58 -18.80
C ARG B 150 -6.52 -14.36 -19.61
N CYS B 151 -6.87 -15.59 -19.97
CA CYS B 151 -5.96 -16.50 -20.65
C CYS B 151 -5.94 -16.51 -22.16
N PHE B 152 -4.80 -16.95 -22.70
CA PHE B 152 -4.56 -17.02 -24.14
C PHE B 152 -4.09 -18.43 -24.53
N SER B 153 -3.92 -18.66 -25.84
CA SER B 153 -3.51 -19.98 -26.28
C SER B 153 -2.12 -20.34 -25.75
N GLN B 154 -1.37 -19.34 -25.33
CA GLN B 154 -0.05 -19.57 -24.74
C GLN B 154 -0.03 -18.83 -23.41
N PRO B 155 0.86 -19.22 -22.49
CA PRO B 155 0.92 -18.53 -21.18
C PRO B 155 1.13 -17.03 -21.40
N ARG B 156 0.36 -16.23 -20.66
CA ARG B 156 0.35 -14.76 -20.79
C ARG B 156 1.08 -13.98 -19.69
N HIS B 157 2.03 -13.13 -20.09
CA HIS B 157 2.73 -12.29 -19.11
C HIS B 157 1.99 -10.96 -19.24
N ILE B 158 1.40 -10.49 -18.14
CA ILE B 158 0.58 -9.28 -18.18
C ILE B 158 1.26 -7.96 -17.79
N SER B 159 2.04 -7.95 -16.71
CA SER B 159 2.69 -6.72 -16.27
C SER B 159 4.02 -6.58 -17.02
N VAL B 160 3.92 -6.30 -18.32
CA VAL B 160 5.10 -6.21 -19.15
C VAL B 160 5.88 -4.89 -19.11
N ALA B 161 5.23 -3.79 -18.75
CA ALA B 161 5.91 -2.50 -18.72
C ALA B 161 5.64 -1.77 -17.41
N MET B 162 6.29 -2.25 -16.36
CA MET B 162 6.16 -1.69 -15.03
C MET B 162 6.98 -0.42 -14.88
N ASP B 163 6.44 0.57 -14.19
CA ASP B 163 7.17 1.81 -14.00
C ASP B 163 8.51 1.57 -13.29
N LYS B 164 8.54 0.67 -12.31
CA LYS B 164 9.79 0.43 -11.59
C LYS B 164 10.90 -0.19 -12.44
N PHE B 165 10.58 -0.63 -13.65
CA PHE B 165 11.58 -1.17 -14.55
C PHE B 165 11.69 -0.24 -15.75
N GLY B 166 11.32 1.02 -15.57
CA GLY B 166 11.39 1.99 -16.65
C GLY B 166 10.40 1.76 -17.78
N PHE B 167 9.22 1.24 -17.44
CA PHE B 167 8.19 0.95 -18.44
C PHE B 167 8.60 -0.01 -19.54
N SER B 168 9.33 -1.05 -19.18
CA SER B 168 9.74 -2.09 -20.13
C SER B 168 10.12 -3.34 -19.33
N LEU B 169 10.40 -4.43 -20.01
CA LEU B 169 10.78 -5.65 -19.32
C LEU B 169 12.20 -5.49 -18.77
N PRO B 170 12.44 -5.95 -17.53
CA PRO B 170 13.81 -5.81 -17.00
C PRO B 170 14.76 -6.72 -17.78
N TYR B 171 14.23 -7.81 -18.30
CA TYR B 171 15.00 -8.75 -19.15
C TYR B 171 13.94 -9.51 -19.94
N VAL B 172 14.27 -9.98 -21.14
CA VAL B 172 13.26 -10.64 -21.96
C VAL B 172 12.57 -11.89 -21.46
N GLN B 173 13.18 -12.62 -20.54
CA GLN B 173 12.56 -13.83 -20.01
C GLN B 173 11.86 -13.59 -18.68
N TYR B 174 11.75 -12.33 -18.30
CA TYR B 174 11.08 -11.96 -17.06
C TYR B 174 9.61 -12.35 -17.13
N PHE B 175 9.15 -13.07 -16.12
CA PHE B 175 7.77 -13.53 -16.09
C PHE B 175 7.12 -13.23 -14.74
N GLY B 176 7.64 -12.23 -14.03
CA GLY B 176 7.07 -11.93 -12.72
C GLY B 176 5.99 -10.85 -12.72
N GLY B 177 5.44 -10.60 -11.53
CA GLY B 177 4.44 -9.55 -11.38
C GLY B 177 3.03 -10.08 -11.55
N VAL B 178 2.54 -10.03 -12.79
CA VAL B 178 1.19 -10.47 -13.11
C VAL B 178 1.20 -11.37 -14.35
N SER B 179 0.59 -12.55 -14.23
CA SER B 179 0.52 -13.46 -15.37
C SER B 179 -0.78 -14.26 -15.36
N ALA B 180 -1.09 -14.89 -16.49
CA ALA B 180 -2.29 -15.71 -16.60
C ALA B 180 -1.98 -17.03 -17.29
N LEU B 181 -2.38 -18.13 -16.66
CA LEU B 181 -2.19 -19.45 -17.23
C LEU B 181 -3.56 -20.12 -17.21
N SER B 182 -3.90 -20.83 -18.29
CA SER B 182 -5.16 -21.53 -18.36
C SER B 182 -5.00 -22.73 -17.41
N LYS B 183 -6.11 -23.38 -17.06
CA LYS B 183 -6.04 -24.55 -16.19
C LYS B 183 -5.10 -25.58 -16.81
N GLN B 184 -5.24 -25.82 -18.12
CA GLN B 184 -4.39 -26.82 -18.76
C GLN B 184 -2.91 -26.43 -18.77
N GLN B 185 -2.61 -25.16 -18.98
CA GLN B 185 -1.22 -24.71 -18.97
C GLN B 185 -0.60 -24.94 -17.61
N PHE B 186 -1.34 -24.60 -16.56
CA PHE B 186 -0.86 -24.75 -15.20
C PHE B 186 -0.64 -26.24 -14.89
N LEU B 187 -1.62 -27.08 -15.22
CA LEU B 187 -1.50 -28.50 -14.94
C LEU B 187 -0.33 -29.14 -15.70
N THR B 188 -0.12 -28.70 -16.93
CA THR B 188 0.98 -29.23 -17.74
C THR B 188 2.36 -29.08 -17.12
N ILE B 189 2.58 -28.00 -16.38
CA ILE B 189 3.87 -27.79 -15.74
C ILE B 189 3.90 -28.27 -14.28
N ASN B 190 2.87 -28.99 -13.87
CA ASN B 190 2.79 -29.48 -12.48
C ASN B 190 2.75 -28.29 -11.53
N GLY B 191 2.07 -27.23 -11.95
CA GLY B 191 1.94 -26.04 -11.13
C GLY B 191 3.27 -25.38 -10.85
N PHE B 192 3.34 -24.62 -9.77
CA PHE B 192 4.56 -23.91 -9.42
C PHE B 192 5.40 -24.63 -8.37
N PRO B 193 6.70 -24.27 -8.27
CA PRO B 193 7.58 -24.89 -7.28
C PRO B 193 7.15 -24.54 -5.84
N ASN B 194 7.42 -25.43 -4.89
CA ASN B 194 7.05 -25.22 -3.49
C ASN B 194 8.24 -24.87 -2.59
N ASN B 195 9.46 -25.04 -3.10
CA ASN B 195 10.64 -24.80 -2.30
C ASN B 195 11.41 -23.52 -2.52
N TYR B 196 10.74 -22.48 -3.01
CA TYR B 196 11.42 -21.20 -3.15
C TYR B 196 10.99 -20.38 -1.94
N TRP B 197 11.84 -20.31 -0.94
CA TRP B 197 11.53 -19.55 0.27
C TRP B 197 12.26 -18.24 0.26
N GLY B 198 11.55 -17.16 0.56
CA GLY B 198 12.19 -15.86 0.52
C GLY B 198 12.08 -15.31 -0.89
N TRP B 199 12.56 -14.09 -1.08
CA TRP B 199 12.49 -13.37 -2.35
C TRP B 199 13.37 -13.86 -3.50
N GLY B 200 12.80 -13.87 -4.70
CA GLY B 200 13.57 -14.21 -5.89
C GLY B 200 13.58 -15.57 -6.55
N GLY B 201 13.69 -15.55 -7.87
CA GLY B 201 13.78 -16.76 -8.68
C GLY B 201 12.59 -17.66 -8.97
N GLU B 202 11.58 -17.66 -8.10
CA GLU B 202 10.46 -18.56 -8.34
C GLU B 202 9.75 -18.23 -9.65
N ASP B 203 9.76 -16.95 -10.03
CA ASP B 203 9.10 -16.56 -11.29
C ASP B 203 9.94 -17.03 -12.48
N ASP B 204 11.27 -17.07 -12.31
CA ASP B 204 12.13 -17.55 -13.38
C ASP B 204 11.95 -19.07 -13.51
N ASP B 205 11.76 -19.73 -12.37
CA ASP B 205 11.54 -21.18 -12.38
C ASP B 205 10.27 -21.49 -13.17
N ILE B 206 9.23 -20.69 -12.97
CA ILE B 206 7.97 -20.90 -13.67
C ILE B 206 8.15 -20.69 -15.18
N PHE B 207 8.90 -19.66 -15.56
CA PHE B 207 9.18 -19.42 -16.97
C PHE B 207 9.86 -20.67 -17.52
N ASN B 208 10.88 -21.16 -16.81
CA ASN B 208 11.60 -22.36 -17.23
C ASN B 208 10.64 -23.54 -17.43
N ARG B 209 9.74 -23.76 -16.48
CA ARG B 209 8.78 -24.87 -16.58
C ARG B 209 7.95 -24.76 -17.87
N LEU B 210 7.47 -23.56 -18.16
CA LEU B 210 6.64 -23.35 -19.35
C LEU B 210 7.41 -23.69 -20.63
N VAL B 211 8.64 -23.20 -20.73
CA VAL B 211 9.46 -23.43 -21.91
C VAL B 211 9.82 -24.91 -22.05
N PHE B 212 10.13 -25.56 -20.93
CA PHE B 212 10.47 -26.99 -20.96
C PHE B 212 9.28 -27.82 -21.42
N ARG B 213 8.07 -27.27 -21.29
CA ARG B 213 6.90 -27.99 -21.73
C ARG B 213 6.40 -27.49 -23.09
N GLY B 214 7.31 -26.86 -23.84
CA GLY B 214 7.03 -26.40 -25.19
C GLY B 214 6.23 -25.15 -25.45
N MET B 215 5.96 -24.35 -24.41
CA MET B 215 5.17 -23.15 -24.59
C MET B 215 6.02 -21.89 -24.78
N SER B 216 5.39 -20.81 -25.23
CA SER B 216 6.08 -19.54 -25.41
C SER B 216 5.28 -18.52 -24.65
N ILE B 217 5.90 -17.40 -24.31
CA ILE B 217 5.21 -16.37 -23.56
C ILE B 217 4.50 -15.38 -24.47
N SER B 218 3.21 -15.17 -24.22
CA SER B 218 2.42 -14.20 -24.98
C SER B 218 2.36 -12.90 -24.17
N ARG B 219 2.47 -11.75 -24.84
CA ARG B 219 2.44 -10.46 -24.14
C ARG B 219 1.75 -9.33 -24.90
N PRO B 220 1.10 -8.38 -24.19
CA PRO B 220 0.47 -7.27 -24.90
C PRO B 220 1.65 -6.35 -25.25
N ASN B 221 1.43 -5.27 -26.01
CA ASN B 221 2.56 -4.40 -26.32
C ASN B 221 2.91 -3.56 -25.09
N ALA B 222 4.06 -2.89 -25.16
CA ALA B 222 4.56 -2.08 -24.05
C ALA B 222 3.66 -0.96 -23.56
N VAL B 223 2.88 -0.36 -24.45
CA VAL B 223 1.99 0.73 -24.05
C VAL B 223 0.76 0.16 -23.34
N VAL B 224 0.14 -0.84 -23.94
CA VAL B 224 -1.03 -1.46 -23.34
C VAL B 224 -0.62 -2.14 -22.02
N GLY B 225 0.60 -2.69 -21.98
CA GLY B 225 1.05 -3.38 -20.77
C GLY B 225 1.64 -2.54 -19.65
N THR B 226 1.53 -1.22 -19.78
CA THR B 226 2.06 -0.32 -18.76
C THR B 226 1.42 -0.62 -17.40
N THR B 227 2.27 -0.79 -16.39
CA THR B 227 1.79 -1.13 -15.06
C THR B 227 2.46 -0.33 -13.96
N ARG B 228 1.69 0.06 -12.95
CA ARG B 228 2.24 0.80 -11.81
C ARG B 228 2.47 -0.11 -10.61
N HIS B 229 3.60 0.09 -9.94
CA HIS B 229 3.95 -0.64 -8.74
C HIS B 229 3.84 0.32 -7.57
N ILE B 230 3.15 -0.08 -6.51
CA ILE B 230 3.03 0.79 -5.34
C ILE B 230 4.37 0.74 -4.61
N ARG B 231 5.11 1.85 -4.64
CA ARG B 231 6.42 1.91 -3.98
C ARG B 231 6.29 1.47 -2.53
N HIS B 232 7.20 0.63 -2.07
CA HIS B 232 7.16 0.16 -0.70
C HIS B 232 8.54 -0.24 -0.23
N SER B 233 8.74 -0.25 1.09
CA SER B 233 10.04 -0.63 1.63
C SER B 233 10.02 -2.16 1.72
N ARG B 234 11.18 -2.77 1.95
CA ARG B 234 11.27 -4.22 2.03
C ARG B 234 10.46 -4.80 3.19
N ASP B 235 9.85 -5.96 2.99
CA ASP B 235 9.10 -6.58 4.06
C ASP B 235 10.07 -7.45 4.81
N LYS B 236 9.78 -7.67 6.09
CA LYS B 236 10.64 -8.55 6.87
C LYS B 236 10.20 -9.95 6.41
N LYS B 237 11.06 -10.93 6.63
CA LYS B 237 10.75 -12.30 6.32
C LYS B 237 10.56 -12.69 4.86
N ASN B 238 11.14 -11.92 3.94
CA ASN B 238 11.10 -12.31 2.54
C ASN B 238 12.44 -11.89 1.94
N GLU B 239 13.51 -12.10 2.70
CA GLU B 239 14.86 -11.73 2.25
C GLU B 239 15.27 -12.52 1.01
N PRO B 240 16.08 -11.91 0.14
CA PRO B 240 16.53 -12.59 -1.08
C PRO B 240 17.04 -14.00 -0.73
N ASN B 241 16.50 -14.99 -1.43
CA ASN B 241 16.88 -16.38 -1.22
C ASN B 241 18.25 -16.69 -1.83
N PRO B 242 19.25 -17.01 -0.98
CA PRO B 242 20.61 -17.32 -1.45
C PRO B 242 20.64 -18.50 -2.41
N GLN B 243 19.72 -19.44 -2.23
CA GLN B 243 19.67 -20.63 -3.07
C GLN B 243 18.95 -20.48 -4.40
N ARG B 244 18.36 -19.32 -4.67
CA ARG B 244 17.60 -19.14 -5.90
C ARG B 244 18.32 -19.41 -7.21
N PHE B 245 19.58 -19.00 -7.31
CA PHE B 245 20.35 -19.22 -8.54
C PHE B 245 20.52 -20.71 -8.78
N ASP B 246 20.84 -21.47 -7.74
CA ASP B 246 21.00 -22.91 -7.93
C ASP B 246 19.65 -23.57 -8.25
N ARG B 247 18.58 -23.13 -7.59
CA ARG B 247 17.28 -23.74 -7.88
C ARG B 247 16.78 -23.53 -9.29
N ILE B 248 16.90 -22.31 -9.83
CA ILE B 248 16.40 -22.09 -11.19
C ILE B 248 17.23 -22.83 -12.25
N ALA B 249 18.43 -23.23 -11.86
CA ALA B 249 19.32 -23.98 -12.76
C ALA B 249 18.91 -25.45 -12.85
N HIS B 250 18.05 -25.91 -11.94
CA HIS B 250 17.62 -27.30 -11.93
C HIS B 250 16.12 -27.51 -12.12
N THR B 251 15.45 -26.49 -12.66
CA THR B 251 14.01 -26.60 -12.85
C THR B 251 13.58 -27.85 -13.62
N LYS B 252 14.26 -28.14 -14.73
CA LYS B 252 13.90 -29.30 -15.53
C LYS B 252 13.89 -30.59 -14.70
N GLU B 253 14.86 -30.71 -13.81
CA GLU B 253 14.98 -31.90 -12.98
C GLU B 253 14.00 -31.97 -11.82
N THR B 254 13.66 -30.82 -11.25
CA THR B 254 12.78 -30.81 -10.09
C THR B 254 11.28 -30.58 -10.36
N MET B 255 10.95 -29.96 -11.49
CA MET B 255 9.55 -29.67 -11.78
C MET B 255 8.62 -30.87 -11.80
N LEU B 256 9.13 -32.02 -12.19
CA LEU B 256 8.28 -33.19 -12.27
C LEU B 256 7.83 -33.75 -10.92
N SER B 257 8.65 -33.56 -9.89
CA SER B 257 8.32 -34.08 -8.57
C SER B 257 8.08 -33.00 -7.53
N ASP B 258 8.20 -31.73 -7.93
CA ASP B 258 7.99 -30.65 -6.98
C ASP B 258 6.98 -29.65 -7.57
N GLY B 259 5.79 -29.60 -6.97
CA GLY B 259 4.77 -28.68 -7.45
C GLY B 259 3.40 -29.09 -6.97
N LEU B 260 2.43 -29.04 -7.87
CA LEU B 260 1.08 -29.40 -7.53
C LEU B 260 1.00 -30.84 -6.97
N ASN B 261 1.76 -31.76 -7.54
CA ASN B 261 1.73 -33.14 -7.07
C ASN B 261 2.39 -33.39 -5.73
N SER B 262 3.10 -32.40 -5.20
CA SER B 262 3.75 -32.56 -3.89
C SER B 262 3.30 -31.49 -2.91
N LEU B 263 2.26 -30.74 -3.28
CA LEU B 263 1.76 -29.66 -2.46
C LEU B 263 1.03 -30.09 -1.18
N THR B 264 1.46 -29.52 -0.05
CA THR B 264 0.79 -29.81 1.23
C THR B 264 0.69 -28.50 1.99
N TYR B 265 -0.42 -28.32 2.69
CA TYR B 265 -0.67 -27.12 3.48
C TYR B 265 -1.89 -27.36 4.34
N GLN B 266 -2.12 -26.44 5.26
CA GLN B 266 -3.28 -26.54 6.13
C GLN B 266 -4.04 -25.20 6.13
N VAL B 267 -5.25 -25.23 5.61
CA VAL B 267 -6.09 -24.04 5.60
C VAL B 267 -6.55 -23.76 7.02
N LEU B 268 -6.33 -22.54 7.51
CA LEU B 268 -6.74 -22.18 8.86
C LEU B 268 -8.08 -21.44 8.86
N ASP B 269 -8.42 -20.78 7.77
CA ASP B 269 -9.67 -20.04 7.75
C ASP B 269 -9.97 -19.60 6.32
N VAL B 270 -11.26 -19.45 6.02
CA VAL B 270 -11.71 -19.00 4.73
C VAL B 270 -12.73 -17.93 5.09
N GLN B 271 -12.50 -16.71 4.63
CA GLN B 271 -13.41 -15.62 4.94
C GLN B 271 -13.88 -14.97 3.66
N ARG B 272 -15.19 -14.83 3.52
CA ARG B 272 -15.74 -14.19 2.33
C ARG B 272 -16.00 -12.73 2.65
N TYR B 273 -15.35 -11.83 1.94
CA TYR B 273 -15.59 -10.41 2.16
C TYR B 273 -16.36 -9.93 0.94
N PRO B 274 -16.96 -8.73 1.02
CA PRO B 274 -17.70 -8.27 -0.14
C PRO B 274 -16.91 -8.29 -1.45
N LEU B 275 -15.64 -7.88 -1.37
CA LEU B 275 -14.79 -7.74 -2.55
C LEU B 275 -13.72 -8.81 -2.79
N TYR B 276 -13.67 -9.82 -1.92
CA TYR B 276 -12.69 -10.88 -2.11
C TYR B 276 -12.85 -11.97 -1.11
N THR B 277 -12.28 -13.13 -1.44
CA THR B 277 -12.28 -14.26 -0.53
C THR B 277 -10.85 -14.35 -0.03
N GLN B 278 -10.69 -14.44 1.29
CA GLN B 278 -9.35 -14.58 1.87
C GLN B 278 -9.20 -15.97 2.49
N ILE B 279 -8.20 -16.71 2.02
CA ILE B 279 -7.90 -18.06 2.50
C ILE B 279 -6.58 -17.95 3.24
N THR B 280 -6.61 -18.17 4.56
CA THR B 280 -5.40 -18.07 5.37
C THR B 280 -4.90 -19.48 5.53
N VAL B 281 -3.61 -19.66 5.24
CA VAL B 281 -3.03 -20.99 5.23
C VAL B 281 -1.65 -21.12 5.83
N ASP B 282 -1.43 -22.27 6.46
CA ASP B 282 -0.14 -22.59 7.04
C ASP B 282 0.58 -23.39 5.95
N ILE B 283 1.58 -22.79 5.32
CA ILE B 283 2.28 -23.50 4.25
C ILE B 283 3.62 -24.07 4.71
N GLY B 284 3.84 -24.06 6.02
CA GLY B 284 5.05 -24.64 6.55
C GLY B 284 6.31 -23.82 6.51
N THR B 285 7.43 -24.49 6.75
CA THR B 285 8.72 -23.82 6.77
C THR B 285 9.73 -24.61 5.96
N PRO B 286 10.87 -24.00 5.63
CA PRO B 286 11.88 -24.70 4.85
C PRO B 286 12.49 -25.79 5.72
N SER B 287 12.94 -26.87 5.09
CA SER B 287 13.56 -27.97 5.81
C SER B 287 14.91 -27.59 6.40
N LEU C 16 19.12 5.19 -13.70
CA LEU C 16 17.77 5.07 -14.32
C LEU C 16 17.87 4.97 -15.83
N PRO C 17 16.99 4.19 -16.46
CA PRO C 17 17.00 4.04 -17.92
C PRO C 17 16.31 5.24 -18.54
N ALA C 18 16.48 5.41 -19.83
CA ALA C 18 15.84 6.50 -20.55
C ALA C 18 14.35 6.22 -20.62
N CYS C 19 13.52 7.26 -20.57
CA CYS C 19 12.08 7.07 -20.68
C CYS C 19 11.78 6.63 -22.11
N PRO C 20 10.63 5.96 -22.33
CA PRO C 20 10.30 5.54 -23.69
C PRO C 20 10.29 6.78 -24.58
N GLU C 21 10.63 6.61 -25.85
CA GLU C 21 10.66 7.72 -26.79
C GLU C 21 9.37 8.54 -26.70
N GLU C 22 8.23 7.86 -26.70
CA GLU C 22 6.95 8.56 -26.55
C GLU C 22 6.36 8.03 -25.24
N SER C 23 5.74 8.89 -24.45
CA SER C 23 5.17 8.45 -23.19
C SER C 23 4.04 7.45 -23.33
N PRO C 24 4.03 6.38 -22.51
CA PRO C 24 2.96 5.38 -22.61
C PRO C 24 1.80 5.72 -21.67
N LEU C 25 1.89 6.90 -21.02
CA LEU C 25 0.89 7.34 -20.05
C LEU C 25 -0.19 8.26 -20.59
N LEU C 26 -0.05 8.66 -21.85
CA LEU C 26 -1.01 9.58 -22.46
C LEU C 26 -2.43 9.04 -22.57
N VAL C 27 -3.40 9.93 -22.34
CA VAL C 27 -4.80 9.55 -22.43
C VAL C 27 -5.46 10.18 -23.63
N GLY C 28 -4.80 11.15 -24.26
CA GLY C 28 -5.37 11.80 -25.42
C GLY C 28 -6.34 12.95 -25.13
N PRO C 29 -7.50 12.99 -25.79
CA PRO C 29 -8.50 14.06 -25.60
C PRO C 29 -9.01 14.16 -24.17
N MET C 30 -9.12 15.39 -23.67
CA MET C 30 -9.54 15.64 -22.29
C MET C 30 -10.73 16.59 -22.17
N LEU C 31 -11.40 16.56 -21.05
CA LEU C 31 -12.53 17.45 -20.80
C LEU C 31 -11.98 18.71 -20.10
N ILE C 32 -12.15 19.85 -20.75
CA ILE C 32 -11.65 21.13 -20.22
C ILE C 32 -12.80 22.07 -19.88
N GLU C 33 -12.86 22.55 -18.65
CA GLU C 33 -13.93 23.47 -18.24
C GLU C 33 -13.36 24.60 -17.39
N PHE C 34 -13.96 25.78 -17.55
CA PHE C 34 -13.53 26.97 -16.80
C PHE C 34 -14.67 27.57 -15.96
N ASN C 35 -15.56 26.72 -15.46
CA ASN C 35 -16.70 27.24 -14.69
C ASN C 35 -16.76 26.83 -13.23
N MET C 36 -15.64 26.33 -12.70
CA MET C 36 -15.62 25.94 -11.30
C MET C 36 -14.47 26.63 -10.61
N PRO C 37 -14.52 26.75 -9.28
CA PRO C 37 -13.44 27.42 -8.56
C PRO C 37 -12.24 26.46 -8.41
N VAL C 38 -11.04 27.02 -8.49
CA VAL C 38 -9.82 26.22 -8.36
C VAL C 38 -9.08 26.57 -7.09
N ASP C 39 -8.75 25.56 -6.30
CA ASP C 39 -8.02 25.76 -5.04
C ASP C 39 -6.61 25.19 -5.20
N LEU C 40 -5.62 26.07 -5.36
CA LEU C 40 -4.24 25.64 -5.55
C LEU C 40 -3.66 24.75 -4.46
N GLU C 41 -4.20 24.81 -3.24
CA GLU C 41 -3.69 23.94 -2.19
C GLU C 41 -4.12 22.52 -2.51
N LEU C 42 -5.33 22.39 -3.05
CA LEU C 42 -5.89 21.11 -3.43
C LEU C 42 -5.13 20.58 -4.65
N VAL C 43 -4.89 21.46 -5.62
CA VAL C 43 -4.17 21.08 -6.83
C VAL C 43 -2.79 20.50 -6.48
N ALA C 44 -2.15 21.10 -5.47
CA ALA C 44 -0.84 20.62 -5.04
C ALA C 44 -0.98 19.24 -4.41
N LYS C 45 -2.06 19.04 -3.66
CA LYS C 45 -2.31 17.75 -3.02
C LYS C 45 -2.60 16.70 -4.10
N GLN C 46 -3.19 17.13 -5.21
CA GLN C 46 -3.48 16.23 -6.30
C GLN C 46 -2.24 15.97 -7.17
N ASN C 47 -1.25 16.85 -7.07
CA ASN C 47 0.00 16.73 -7.83
C ASN C 47 1.16 16.70 -6.84
N PRO C 48 1.18 15.68 -5.97
CA PRO C 48 2.20 15.47 -4.92
C PRO C 48 3.64 15.37 -5.41
N ASN C 49 3.84 14.93 -6.64
CA ASN C 49 5.20 14.79 -7.12
C ASN C 49 5.80 16.09 -7.65
N VAL C 50 4.98 17.14 -7.77
CA VAL C 50 5.49 18.42 -8.24
C VAL C 50 6.19 19.07 -7.04
N LYS C 51 7.48 19.35 -7.19
CA LYS C 51 8.27 19.96 -6.12
C LYS C 51 8.19 21.48 -6.07
N MET C 52 8.60 22.05 -4.93
CA MET C 52 8.56 23.50 -4.73
C MET C 52 9.12 24.24 -5.92
N GLY C 53 8.43 25.31 -6.31
CA GLY C 53 8.83 26.08 -7.46
C GLY C 53 8.27 25.48 -8.74
N GLY C 54 7.37 24.51 -8.61
CA GLY C 54 6.77 23.88 -9.78
C GLY C 54 7.74 23.09 -10.64
N ARG C 55 8.52 22.22 -10.00
CA ARG C 55 9.50 21.40 -10.70
C ARG C 55 9.12 19.93 -10.64
N TYR C 56 9.32 19.23 -11.75
CA TYR C 56 9.01 17.81 -11.83
C TYR C 56 9.91 17.07 -12.81
N ALA C 57 10.20 15.82 -12.47
CA ALA C 57 10.98 14.94 -13.33
C ALA C 57 10.54 13.54 -12.94
N PRO C 58 10.42 12.63 -13.92
CA PRO C 58 9.99 11.29 -13.52
C PRO C 58 10.96 10.55 -12.61
N ARG C 59 10.41 9.76 -11.69
CA ARG C 59 11.21 8.96 -10.74
C ARG C 59 11.81 7.73 -11.40
N ASP C 60 11.06 7.15 -12.33
CA ASP C 60 11.46 5.89 -12.95
C ASP C 60 12.33 5.89 -14.19
N CYS C 61 12.50 7.02 -14.84
CA CYS C 61 13.31 7.04 -16.03
C CYS C 61 13.82 8.45 -16.29
N VAL C 62 14.79 8.56 -17.18
CA VAL C 62 15.37 9.85 -17.49
C VAL C 62 14.72 10.40 -18.73
N SER C 63 14.19 11.60 -18.62
CA SER C 63 13.54 12.24 -19.74
C SER C 63 14.57 13.01 -20.56
N PRO C 64 14.47 12.96 -21.91
CA PRO C 64 15.45 13.71 -22.72
C PRO C 64 14.97 15.14 -22.91
N HIS C 65 13.79 15.44 -22.39
CA HIS C 65 13.22 16.77 -22.51
C HIS C 65 13.37 17.58 -21.22
N LYS C 66 14.26 18.57 -21.23
CA LYS C 66 14.47 19.42 -20.06
C LYS C 66 13.84 20.73 -20.50
N VAL C 67 12.62 20.94 -20.04
CA VAL C 67 11.79 22.04 -20.47
C VAL C 67 11.42 23.08 -19.44
N ALA C 68 11.65 24.34 -19.79
CA ALA C 68 11.28 25.41 -18.90
C ALA C 68 10.02 26.00 -19.56
N ILE C 69 8.89 25.99 -18.86
CA ILE C 69 7.67 26.55 -19.44
C ILE C 69 7.54 27.97 -18.92
N ILE C 70 7.56 28.91 -19.85
CA ILE C 70 7.53 30.33 -19.52
C ILE C 70 6.23 31.05 -19.89
N ILE C 71 5.63 31.68 -18.88
CA ILE C 71 4.38 32.40 -19.04
C ILE C 71 4.51 33.92 -18.79
N PRO C 72 4.22 34.74 -19.82
CA PRO C 72 4.31 36.20 -19.65
C PRO C 72 3.11 36.49 -18.76
N PHE C 73 3.26 37.35 -17.76
CA PHE C 73 2.17 37.55 -16.84
C PHE C 73 2.05 38.91 -16.12
N ARG C 74 0.83 39.23 -15.74
CA ARG C 74 0.47 40.41 -14.94
C ARG C 74 -1.02 40.46 -14.69
N ASN C 75 -1.38 40.33 -13.42
CA ASN C 75 -2.77 40.39 -13.00
C ASN C 75 -3.67 39.37 -13.73
N ARG C 76 -3.26 38.11 -13.76
CA ARG C 76 -4.05 37.05 -14.41
C ARG C 76 -4.03 35.83 -13.51
N GLN C 77 -4.12 36.05 -12.20
CA GLN C 77 -4.08 34.96 -11.24
C GLN C 77 -5.19 33.93 -11.45
N GLU C 78 -6.40 34.40 -11.75
CA GLU C 78 -7.52 33.50 -11.96
C GLU C 78 -7.25 32.56 -13.13
N HIS C 79 -6.69 33.10 -14.21
CA HIS C 79 -6.37 32.29 -15.38
C HIS C 79 -5.26 31.31 -15.03
N LEU C 80 -4.25 31.80 -14.31
CA LEU C 80 -3.13 30.97 -13.91
C LEU C 80 -3.59 29.77 -13.07
N LYS C 81 -4.61 29.95 -12.24
CA LYS C 81 -5.08 28.85 -11.43
C LYS C 81 -5.61 27.71 -12.31
N TYR C 82 -6.25 28.06 -13.42
CA TYR C 82 -6.78 27.05 -14.35
C TYR C 82 -5.63 26.41 -15.12
N TRP C 83 -4.69 27.24 -15.54
CA TRP C 83 -3.54 26.77 -16.30
C TRP C 83 -2.80 25.71 -15.50
N LEU C 84 -2.50 26.01 -14.24
CA LEU C 84 -1.77 25.08 -13.38
C LEU C 84 -2.57 23.82 -13.12
N TYR C 85 -3.87 23.99 -12.93
CA TYR C 85 -4.76 22.88 -12.68
C TYR C 85 -4.75 21.88 -13.84
N TYR C 86 -4.77 22.40 -15.06
CA TYR C 86 -4.79 21.54 -16.23
C TYR C 86 -3.43 21.10 -16.75
N LEU C 87 -2.47 22.02 -16.83
CA LEU C 87 -1.17 21.63 -17.35
C LEU C 87 -0.32 20.69 -16.49
N HIS C 88 -0.36 20.82 -15.17
CA HIS C 88 0.50 19.94 -14.37
C HIS C 88 0.27 18.44 -14.59
N PRO C 89 -0.99 17.98 -14.60
CA PRO C 89 -1.20 16.54 -14.82
C PRO C 89 -0.70 16.14 -16.21
N VAL C 90 -0.92 17.01 -17.18
CA VAL C 90 -0.51 16.77 -18.57
C VAL C 90 1.00 16.70 -18.78
N LEU C 91 1.73 17.62 -18.17
CA LEU C 91 3.19 17.65 -18.32
C LEU C 91 3.81 16.43 -17.66
N GLN C 92 3.23 15.97 -16.55
CA GLN C 92 3.76 14.79 -15.89
C GLN C 92 3.51 13.55 -16.72
N ARG C 93 2.33 13.45 -17.32
CA ARG C 93 2.01 12.29 -18.16
C ARG C 93 2.93 12.28 -19.38
N GLN C 94 3.40 13.46 -19.79
CA GLN C 94 4.31 13.55 -20.92
C GLN C 94 5.76 13.23 -20.53
N GLN C 95 5.93 12.89 -19.26
CA GLN C 95 7.25 12.51 -18.74
C GLN C 95 8.36 13.52 -19.03
N LEU C 96 8.08 14.78 -18.72
CA LEU C 96 9.05 15.84 -18.96
C LEU C 96 9.79 16.18 -17.68
N ASP C 97 11.02 16.68 -17.82
CA ASP C 97 11.81 17.13 -16.68
C ASP C 97 11.53 18.62 -16.84
N TYR C 98 10.56 19.14 -16.10
CA TYR C 98 10.19 20.53 -16.32
C TYR C 98 10.06 21.46 -15.13
N GLY C 99 9.91 22.75 -15.46
CA GLY C 99 9.76 23.78 -14.45
C GLY C 99 8.84 24.84 -14.98
N ILE C 100 7.98 25.34 -14.11
CA ILE C 100 7.04 26.40 -14.48
C ILE C 100 7.56 27.76 -14.02
N TYR C 101 7.60 28.72 -14.94
CA TYR C 101 8.07 30.07 -14.63
C TYR C 101 7.08 31.14 -15.09
N VAL C 102 6.51 31.83 -14.13
CA VAL C 102 5.55 32.90 -14.39
C VAL C 102 6.35 34.22 -14.32
N ILE C 103 6.47 34.91 -15.46
CA ILE C 103 7.23 36.15 -15.50
C ILE C 103 6.28 37.34 -15.29
N ASN C 104 6.22 37.80 -14.04
CA ASN C 104 5.33 38.90 -13.65
C ASN C 104 5.94 40.29 -13.90
N GLN C 105 5.28 41.09 -14.75
CA GLN C 105 5.76 42.43 -15.05
C GLN C 105 5.52 43.36 -13.87
N ALA C 106 6.60 43.85 -13.27
CA ALA C 106 6.46 44.77 -12.15
C ALA C 106 5.91 46.09 -12.66
N GLY C 107 5.13 46.76 -11.82
CA GLY C 107 4.61 48.06 -12.21
C GLY C 107 3.29 48.10 -12.96
N ASP C 108 2.93 49.29 -13.41
CA ASP C 108 1.67 49.49 -14.12
C ASP C 108 1.78 50.23 -15.42
N THR C 109 2.95 50.16 -16.05
CA THR C 109 3.10 50.81 -17.35
C THR C 109 2.82 49.78 -18.44
N ILE C 110 2.81 50.22 -19.70
CA ILE C 110 2.48 49.35 -20.82
C ILE C 110 3.17 47.97 -20.80
N PHE C 111 2.37 46.93 -21.02
CA PHE C 111 2.82 45.53 -21.03
C PHE C 111 3.76 45.20 -22.18
N ASN C 112 4.70 44.29 -21.94
CA ASN C 112 5.63 43.89 -22.99
C ASN C 112 5.78 42.38 -22.98
N ARG C 113 4.85 41.68 -23.64
CA ARG C 113 4.87 40.24 -23.69
C ARG C 113 6.20 39.60 -24.07
N ALA C 114 6.72 39.95 -25.25
CA ALA C 114 7.97 39.35 -25.71
C ALA C 114 9.21 39.56 -24.82
N LYS C 115 9.30 40.73 -24.20
CA LYS C 115 10.45 41.00 -23.35
C LYS C 115 10.38 40.12 -22.12
N LEU C 116 9.18 39.95 -21.60
CA LEU C 116 8.99 39.09 -20.44
C LEU C 116 9.42 37.67 -20.81
N LEU C 117 9.13 37.25 -22.03
CA LEU C 117 9.52 35.91 -22.48
C LEU C 117 11.05 35.79 -22.49
N ASN C 118 11.73 36.85 -22.94
CA ASN C 118 13.19 36.86 -22.99
C ASN C 118 13.73 36.71 -21.56
N VAL C 119 13.14 37.45 -20.62
CA VAL C 119 13.56 37.38 -19.23
C VAL C 119 13.43 35.93 -18.74
N GLY C 120 12.31 35.29 -19.09
CA GLY C 120 12.08 33.91 -18.68
C GLY C 120 13.19 32.98 -19.11
N PHE C 121 13.59 33.10 -20.37
CA PHE C 121 14.66 32.27 -20.94
C PHE C 121 15.94 32.41 -20.11
N GLN C 122 16.37 33.65 -19.92
CA GLN C 122 17.59 33.97 -19.18
C GLN C 122 17.58 33.48 -17.73
N GLU C 123 16.52 33.83 -17.02
CA GLU C 123 16.40 33.48 -15.63
C GLU C 123 16.21 31.98 -15.37
N ALA C 124 15.50 31.29 -16.25
CA ALA C 124 15.29 29.86 -16.05
C ALA C 124 16.62 29.13 -16.22
N LEU C 125 17.46 29.60 -17.13
CA LEU C 125 18.76 28.96 -17.34
C LEU C 125 19.68 29.05 -16.10
N LYS C 126 19.36 29.94 -15.17
CA LYS C 126 20.15 30.11 -13.95
C LYS C 126 19.77 29.05 -12.91
N ASP C 127 18.60 28.45 -13.09
CA ASP C 127 18.11 27.40 -12.18
C ASP C 127 18.59 26.03 -12.60
N TYR C 128 18.56 25.77 -13.90
CA TYR C 128 18.87 24.43 -14.38
C TYR C 128 19.28 24.46 -15.84
N ASP C 129 19.97 23.41 -16.28
CA ASP C 129 20.40 23.37 -17.67
C ASP C 129 19.29 22.96 -18.66
N TYR C 130 18.22 23.75 -18.71
CA TYR C 130 17.12 23.46 -19.63
C TYR C 130 17.61 23.59 -21.06
N THR C 131 17.09 22.74 -21.94
CA THR C 131 17.48 22.80 -23.35
C THR C 131 16.27 23.01 -24.27
N CYS C 132 15.13 23.26 -23.65
CA CYS C 132 13.89 23.49 -24.39
C CYS C 132 13.08 24.51 -23.64
N PHE C 133 12.41 25.39 -24.38
CA PHE C 133 11.61 26.42 -23.77
C PHE C 133 10.24 26.50 -24.44
N VAL C 134 9.19 26.40 -23.63
CA VAL C 134 7.82 26.49 -24.13
C VAL C 134 7.31 27.86 -23.67
N PHE C 135 6.90 28.68 -24.62
CA PHE C 135 6.37 29.99 -24.29
C PHE C 135 4.86 29.91 -24.44
N SER C 136 4.15 30.06 -23.33
CA SER C 136 2.70 29.96 -23.34
C SER C 136 1.94 31.08 -22.67
N ASP C 137 0.92 31.58 -23.35
CA ASP C 137 0.09 32.60 -22.76
C ASP C 137 -0.59 31.89 -21.62
N VAL C 138 -1.01 32.65 -20.61
CA VAL C 138 -1.60 32.08 -19.40
C VAL C 138 -3.03 31.55 -19.53
N ASP C 139 -3.69 31.90 -20.62
CA ASP C 139 -5.08 31.53 -20.85
C ASP C 139 -5.32 30.48 -21.93
N LEU C 140 -4.29 29.71 -22.30
CA LEU C 140 -4.43 28.67 -23.32
C LEU C 140 -4.20 27.28 -22.72
N ILE C 141 -5.22 26.44 -22.82
CA ILE C 141 -5.19 25.08 -22.27
C ILE C 141 -5.30 24.06 -23.41
N PRO C 142 -4.35 23.11 -23.49
CA PRO C 142 -4.45 22.10 -24.56
C PRO C 142 -5.52 21.07 -24.16
N MET C 143 -6.26 20.55 -25.14
CA MET C 143 -7.31 19.57 -24.85
C MET C 143 -6.89 18.12 -25.10
N ASN C 144 -5.72 17.93 -25.69
CA ASN C 144 -5.23 16.59 -26.00
C ASN C 144 -3.76 16.43 -25.55
N ASP C 145 -3.52 15.56 -24.58
CA ASP C 145 -2.16 15.39 -24.09
C ASP C 145 -1.15 14.78 -25.06
N HIS C 146 -1.54 14.62 -26.32
CA HIS C 146 -0.63 14.11 -27.35
C HIS C 146 0.07 15.32 -28.01
N ASN C 147 -0.38 16.51 -27.64
CA ASN C 147 0.19 17.76 -28.14
C ASN C 147 1.40 17.96 -27.21
N ALA C 148 2.57 17.56 -27.69
CA ALA C 148 3.78 17.60 -26.90
C ALA C 148 4.26 18.98 -26.52
N TYR C 149 4.44 19.21 -25.22
CA TYR C 149 4.97 20.49 -24.77
C TYR C 149 6.48 20.38 -24.62
N ARG C 150 7.15 20.13 -25.72
CA ARG C 150 8.59 20.03 -25.69
C ARG C 150 9.11 20.40 -27.08
N CYS C 151 10.42 20.40 -27.26
CA CYS C 151 11.01 20.81 -28.52
C CYS C 151 11.22 19.75 -29.60
N PHE C 152 11.30 20.23 -30.85
CA PHE C 152 11.49 19.39 -32.03
C PHE C 152 12.68 19.89 -32.86
N SER C 153 13.01 19.18 -33.93
CA SER C 153 14.15 19.57 -34.77
C SER C 153 13.95 20.96 -35.38
N GLN C 154 12.71 21.43 -35.42
CA GLN C 154 12.38 22.76 -35.94
C GLN C 154 11.52 23.44 -34.89
N PRO C 155 11.44 24.77 -34.92
CA PRO C 155 10.61 25.51 -33.96
C PRO C 155 9.21 24.88 -34.00
N ARG C 156 8.58 24.78 -32.83
CA ARG C 156 7.26 24.15 -32.72
C ARG C 156 6.12 25.06 -32.32
N HIS C 157 5.09 25.10 -33.16
CA HIS C 157 3.89 25.88 -32.87
C HIS C 157 2.90 24.86 -32.25
N ILE C 158 2.55 25.06 -30.98
CA ILE C 158 1.68 24.15 -30.22
C ILE C 158 0.18 24.44 -30.21
N SER C 159 -0.20 25.70 -29.99
CA SER C 159 -1.62 26.08 -29.96
C SER C 159 -2.09 26.31 -31.40
N VAL C 160 -2.17 25.23 -32.18
CA VAL C 160 -2.56 25.34 -33.59
C VAL C 160 -4.04 25.43 -33.92
N ALA C 161 -4.89 24.91 -33.04
CA ALA C 161 -6.34 24.93 -33.29
C ALA C 161 -7.11 25.46 -32.09
N MET C 162 -7.04 26.76 -31.89
CA MET C 162 -7.71 27.40 -30.76
C MET C 162 -9.18 27.60 -31.06
N ASP C 163 -10.02 27.44 -30.04
CA ASP C 163 -11.43 27.62 -30.26
C ASP C 163 -11.75 29.06 -30.67
N LYS C 164 -11.09 30.04 -30.05
CA LYS C 164 -11.35 31.44 -30.37
C LYS C 164 -11.02 31.76 -31.83
N PHE C 165 -10.36 30.85 -32.52
CA PHE C 165 -10.05 31.04 -33.94
C PHE C 165 -10.81 30.01 -34.78
N GLY C 166 -11.87 29.45 -34.21
CA GLY C 166 -12.65 28.47 -34.94
C GLY C 166 -11.92 27.17 -35.20
N PHE C 167 -11.12 26.74 -34.23
CA PHE C 167 -10.38 25.49 -34.31
C PHE C 167 -9.44 25.28 -35.48
N SER C 168 -8.79 26.36 -35.90
CA SER C 168 -7.82 26.29 -36.98
C SER C 168 -6.92 27.51 -36.83
N LEU C 169 -5.87 27.60 -37.64
CA LEU C 169 -4.96 28.73 -37.57
C LEU C 169 -5.65 29.98 -38.12
N PRO C 170 -5.41 31.16 -37.50
CA PRO C 170 -6.06 32.37 -38.02
C PRO C 170 -5.46 32.70 -39.38
N TYR C 171 -4.22 32.29 -39.57
CA TYR C 171 -3.50 32.45 -40.83
C TYR C 171 -2.32 31.51 -40.73
N VAL C 172 -1.91 30.96 -41.87
CA VAL C 172 -0.85 29.98 -41.89
C VAL C 172 0.51 30.35 -41.29
N GLN C 173 0.81 31.65 -41.20
CA GLN C 173 2.09 32.06 -40.63
C GLN C 173 1.96 32.48 -39.16
N TYR C 174 0.78 32.28 -38.59
CA TYR C 174 0.55 32.63 -37.18
C TYR C 174 1.43 31.74 -36.27
N PHE C 175 2.14 32.39 -35.35
CA PHE C 175 3.02 31.70 -34.42
C PHE C 175 2.78 32.14 -32.97
N GLY C 176 1.59 32.67 -32.68
CA GLY C 176 1.31 33.12 -31.32
C GLY C 176 0.69 32.06 -30.42
N GLY C 177 0.39 32.42 -29.17
CA GLY C 177 -0.23 31.50 -28.25
C GLY C 177 0.74 30.62 -27.46
N VAL C 178 1.03 29.44 -27.99
CA VAL C 178 1.95 28.51 -27.34
C VAL C 178 2.92 27.98 -28.38
N SER C 179 4.21 28.05 -28.06
CA SER C 179 5.23 27.57 -28.97
C SER C 179 6.39 27.02 -28.16
N ALA C 180 7.27 26.28 -28.82
CA ALA C 180 8.43 25.73 -28.15
C ALA C 180 9.65 25.88 -29.04
N LEU C 181 10.75 26.34 -28.46
CA LEU C 181 12.00 26.47 -29.19
C LEU C 181 13.10 25.82 -28.38
N SER C 182 13.99 25.11 -29.06
CA SER C 182 15.11 24.51 -28.35
C SER C 182 16.01 25.68 -27.99
N LYS C 183 16.95 25.45 -27.07
CA LYS C 183 17.86 26.51 -26.68
C LYS C 183 18.63 27.02 -27.91
N GLN C 184 19.06 26.10 -28.76
CA GLN C 184 19.79 26.52 -29.94
C GLN C 184 18.94 27.37 -30.89
N GLN C 185 17.67 27.00 -31.05
CA GLN C 185 16.77 27.75 -31.94
C GLN C 185 16.59 29.18 -31.42
N PHE C 186 16.42 29.29 -30.11
CA PHE C 186 16.23 30.59 -29.48
C PHE C 186 17.50 31.45 -29.65
N LEU C 187 18.66 30.88 -29.36
CA LEU C 187 19.90 31.62 -29.50
C LEU C 187 20.14 32.03 -30.95
N THR C 188 19.83 31.13 -31.89
CA THR C 188 20.04 31.43 -33.30
C THR C 188 19.35 32.69 -33.80
N ILE C 189 18.17 33.00 -33.28
CA ILE C 189 17.44 34.18 -33.70
C ILE C 189 17.65 35.38 -32.79
N ASN C 190 18.61 35.29 -31.89
CA ASN C 190 18.91 36.37 -30.94
C ASN C 190 17.70 36.62 -30.07
N GLY C 191 17.03 35.55 -29.67
CA GLY C 191 15.85 35.68 -28.84
C GLY C 191 14.72 36.43 -29.49
N PHE C 192 13.83 36.95 -28.67
CA PHE C 192 12.69 37.70 -29.14
C PHE C 192 12.98 39.20 -29.08
N PRO C 193 12.19 40.01 -29.81
CA PRO C 193 12.39 41.47 -29.82
C PRO C 193 11.99 42.10 -28.48
N ASN C 194 12.68 43.17 -28.11
CA ASN C 194 12.39 43.86 -26.86
C ASN C 194 11.54 45.11 -27.00
N ASN C 195 11.39 45.62 -28.22
CA ASN C 195 10.62 46.85 -28.43
C ASN C 195 9.18 46.79 -28.90
N TYR C 196 8.49 45.68 -28.65
CA TYR C 196 7.10 45.60 -29.04
C TYR C 196 6.31 45.84 -27.76
N TRP C 197 5.87 47.08 -27.55
CA TRP C 197 5.11 47.44 -26.36
C TRP C 197 3.62 47.47 -26.71
N GLY C 198 2.80 46.88 -25.84
CA GLY C 198 1.37 46.82 -26.11
C GLY C 198 1.08 45.64 -27.01
N TRP C 199 -0.19 45.26 -27.10
CA TRP C 199 -0.64 44.12 -27.91
C TRP C 199 -0.30 44.13 -29.40
N GLY C 200 -0.02 42.95 -29.93
CA GLY C 200 0.23 42.82 -31.36
C GLY C 200 1.61 42.78 -32.00
N GLY C 201 1.69 41.99 -33.06
CA GLY C 201 2.91 41.86 -33.85
C GLY C 201 4.21 41.22 -33.40
N GLU C 202 4.44 41.06 -32.10
CA GLU C 202 5.71 40.47 -31.67
C GLU C 202 5.83 38.99 -32.06
N ASP C 203 4.69 38.31 -32.15
CA ASP C 203 4.69 36.89 -32.53
C ASP C 203 5.00 36.76 -34.02
N ASP C 204 4.58 37.74 -34.81
CA ASP C 204 4.89 37.70 -36.23
C ASP C 204 6.37 37.98 -36.43
N ASP C 205 6.91 38.87 -35.62
CA ASP C 205 8.33 39.22 -35.68
C ASP C 205 9.14 37.95 -35.42
N ILE C 206 8.76 37.20 -34.40
CA ILE C 206 9.44 35.95 -34.06
C ILE C 206 9.39 34.97 -35.23
N PHE C 207 8.23 34.89 -35.89
CA PHE C 207 8.08 34.03 -37.05
C PHE C 207 9.10 34.45 -38.11
N ASN C 208 9.18 35.75 -38.37
CA ASN C 208 10.13 36.27 -39.35
C ASN C 208 11.57 35.94 -38.99
N ARG C 209 11.91 36.04 -37.71
CA ARG C 209 13.27 35.72 -37.29
C ARG C 209 13.60 34.28 -37.61
N LEU C 210 12.69 33.37 -37.27
CA LEU C 210 12.89 31.95 -37.51
C LEU C 210 13.06 31.67 -39.00
N VAL C 211 12.18 32.26 -39.80
CA VAL C 211 12.27 32.06 -41.25
C VAL C 211 13.53 32.68 -41.81
N PHE C 212 13.89 33.86 -41.31
CA PHE C 212 15.10 34.53 -41.78
C PHE C 212 16.34 33.73 -41.39
N ARG C 213 16.19 32.82 -40.44
CA ARG C 213 17.34 32.01 -40.03
C ARG C 213 17.29 30.60 -40.59
N GLY C 214 16.53 30.42 -41.67
CA GLY C 214 16.44 29.13 -42.32
C GLY C 214 15.59 28.04 -41.68
N MET C 215 14.71 28.39 -40.74
CA MET C 215 13.88 27.38 -40.09
C MET C 215 12.45 27.39 -40.63
N SER C 216 11.70 26.34 -40.30
CA SER C 216 10.30 26.24 -40.72
C SER C 216 9.51 25.85 -39.47
N ILE C 217 8.21 26.10 -39.47
CA ILE C 217 7.40 25.80 -38.31
C ILE C 217 6.86 24.36 -38.27
N SER C 218 7.11 23.66 -37.17
CA SER C 218 6.61 22.29 -36.98
C SER C 218 5.30 22.39 -36.21
N ARG C 219 4.30 21.58 -36.57
CA ARG C 219 3.01 21.63 -35.87
C ARG C 219 2.33 20.29 -35.77
N PRO C 220 1.59 20.05 -34.69
CA PRO C 220 0.89 18.76 -34.57
C PRO C 220 -0.32 18.92 -35.49
N ASN C 221 -1.14 17.89 -35.68
CA ASN C 221 -2.30 18.08 -36.54
C ASN C 221 -3.37 18.87 -35.79
N ALA C 222 -4.35 19.39 -36.52
CA ALA C 222 -5.41 20.20 -35.93
C ALA C 222 -6.17 19.56 -34.77
N VAL C 223 -6.43 18.26 -34.84
CA VAL C 223 -7.17 17.60 -33.77
C VAL C 223 -6.35 17.52 -32.49
N VAL C 224 -5.11 17.07 -32.60
CA VAL C 224 -4.25 16.98 -31.43
C VAL C 224 -3.90 18.37 -30.90
N GLY C 225 -3.82 19.34 -31.81
CA GLY C 225 -3.49 20.70 -31.43
C GLY C 225 -4.66 21.55 -30.99
N THR C 226 -5.81 20.91 -30.74
CA THR C 226 -6.99 21.63 -30.29
C THR C 226 -6.69 22.27 -28.94
N THR C 227 -6.94 23.57 -28.85
CA THR C 227 -6.65 24.34 -27.64
C THR C 227 -7.80 25.26 -27.21
N ARG C 228 -8.05 25.34 -25.91
CA ARG C 228 -9.10 26.20 -25.40
C ARG C 228 -8.56 27.50 -24.77
N HIS C 229 -9.13 28.64 -25.17
CA HIS C 229 -8.74 29.93 -24.68
C HIS C 229 -9.77 30.47 -23.70
N ILE C 230 -9.33 30.81 -22.49
CA ILE C 230 -10.23 31.33 -21.48
C ILE C 230 -10.70 32.73 -21.93
N ARG C 231 -11.98 32.85 -22.29
CA ARG C 231 -12.50 34.15 -22.73
C ARG C 231 -12.31 35.20 -21.64
N HIS C 232 -11.86 36.38 -22.05
CA HIS C 232 -11.61 37.48 -21.12
C HIS C 232 -11.69 38.84 -21.82
N SER C 233 -11.87 39.90 -21.06
CA SER C 233 -11.93 41.24 -21.66
C SER C 233 -10.53 41.83 -21.74
N ARG C 234 -10.40 42.95 -22.46
CA ARG C 234 -9.11 43.61 -22.63
C ARG C 234 -8.48 44.03 -21.32
N ASP C 235 -7.16 43.80 -21.21
CA ASP C 235 -6.44 44.21 -20.02
C ASP C 235 -6.10 45.66 -20.27
N LYS C 236 -6.03 46.44 -19.21
CA LYS C 236 -5.67 47.84 -19.38
C LYS C 236 -4.16 47.84 -19.52
N LYS C 237 -3.62 48.84 -20.19
CA LYS C 237 -2.18 48.97 -20.38
C LYS C 237 -1.54 48.01 -21.37
N ASN C 238 -2.34 47.49 -22.29
CA ASN C 238 -1.81 46.59 -23.31
C ASN C 238 -2.55 46.86 -24.62
N GLU C 239 -2.67 48.15 -24.95
CA GLU C 239 -3.35 48.58 -26.17
C GLU C 239 -2.55 48.22 -27.41
N PRO C 240 -3.26 47.98 -28.53
CA PRO C 240 -2.61 47.62 -29.79
C PRO C 240 -1.54 48.64 -30.14
N ASN C 241 -0.34 48.13 -30.45
CA ASN C 241 0.78 48.98 -30.80
C ASN C 241 0.66 49.44 -32.25
N PRO C 242 0.38 50.73 -32.46
CA PRO C 242 0.23 51.33 -33.79
C PRO C 242 1.44 51.14 -34.70
N GLN C 243 2.62 51.00 -34.12
CA GLN C 243 3.81 50.84 -34.94
C GLN C 243 4.23 49.39 -35.16
N ARG C 244 3.38 48.46 -34.74
CA ARG C 244 3.71 47.04 -34.91
C ARG C 244 3.89 46.65 -36.35
N PHE C 245 3.06 47.19 -37.24
CA PHE C 245 3.16 46.86 -38.66
C PHE C 245 4.50 47.27 -39.26
N ASP C 246 4.96 48.48 -38.94
CA ASP C 246 6.24 48.91 -39.48
C ASP C 246 7.38 48.10 -38.91
N ARG C 247 7.23 47.68 -37.65
CA ARG C 247 8.28 46.90 -37.00
C ARG C 247 8.50 45.51 -37.63
N ILE C 248 7.41 44.78 -37.89
CA ILE C 248 7.57 43.44 -38.48
C ILE C 248 8.12 43.48 -39.90
N ALA C 249 8.00 44.64 -40.55
CA ALA C 249 8.50 44.78 -41.92
C ALA C 249 10.02 44.88 -41.95
N HIS C 250 10.62 45.19 -40.80
CA HIS C 250 12.07 45.33 -40.72
C HIS C 250 12.79 44.29 -39.85
N THR C 251 12.06 43.27 -39.42
CA THR C 251 12.65 42.23 -38.58
C THR C 251 14.04 41.79 -39.01
N LYS C 252 14.22 41.50 -40.30
CA LYS C 252 15.50 41.04 -40.81
C LYS C 252 16.69 41.88 -40.36
N GLU C 253 16.50 43.19 -40.29
CA GLU C 253 17.60 44.07 -39.88
C GLU C 253 17.66 44.23 -38.36
N THR C 254 16.53 44.58 -37.75
CA THR C 254 16.46 44.79 -36.32
C THR C 254 16.78 43.59 -35.42
N MET C 255 16.58 42.37 -35.92
CA MET C 255 16.84 41.21 -35.07
C MET C 255 18.32 41.07 -34.72
N LEU C 256 19.18 41.51 -35.64
CA LEU C 256 20.62 41.44 -35.45
C LEU C 256 21.09 42.19 -34.19
N SER C 257 20.43 43.29 -33.85
CA SER C 257 20.84 44.09 -32.71
C SER C 257 19.78 44.30 -31.65
N ASP C 258 18.62 43.68 -31.81
CA ASP C 258 17.56 43.83 -30.82
C ASP C 258 17.04 42.47 -30.35
N GLY C 259 17.28 42.16 -29.09
CA GLY C 259 16.85 40.89 -28.55
C GLY C 259 17.64 40.48 -27.33
N LEU C 260 18.10 39.23 -27.33
CA LEU C 260 18.85 38.70 -26.21
C LEU C 260 20.13 39.53 -25.97
N ASN C 261 20.75 39.96 -27.06
CA ASN C 261 21.98 40.74 -26.96
C ASN C 261 21.80 42.22 -26.60
N SER C 262 20.57 42.65 -26.35
CA SER C 262 20.34 44.05 -25.98
C SER C 262 19.38 44.06 -24.81
N LEU C 263 19.11 42.87 -24.28
CA LEU C 263 18.19 42.70 -23.17
C LEU C 263 18.64 43.23 -21.82
N THR C 264 17.82 44.10 -21.23
CA THR C 264 18.11 44.66 -19.92
C THR C 264 16.84 44.62 -19.08
N TYR C 265 16.99 44.36 -17.79
CA TYR C 265 15.85 44.29 -16.89
C TYR C 265 16.35 44.08 -15.46
N GLN C 266 15.47 44.19 -14.47
CA GLN C 266 15.90 43.93 -13.11
C GLN C 266 14.92 43.06 -12.32
N VAL C 267 15.35 41.88 -11.93
CA VAL C 267 14.49 40.99 -11.15
C VAL C 267 14.30 41.62 -9.78
N LEU C 268 13.06 41.70 -9.32
CA LEU C 268 12.82 42.30 -8.00
C LEU C 268 12.61 41.23 -6.94
N ASP C 269 11.95 40.14 -7.30
CA ASP C 269 11.74 39.04 -6.36
C ASP C 269 11.34 37.75 -7.07
N VAL C 270 11.76 36.63 -6.49
CA VAL C 270 11.46 35.32 -7.03
C VAL C 270 10.75 34.52 -5.96
N GLN C 271 9.47 34.23 -6.21
CA GLN C 271 8.64 33.46 -5.29
C GLN C 271 8.71 31.99 -5.70
N ARG C 272 8.98 31.10 -4.74
CA ARG C 272 9.01 29.68 -5.04
C ARG C 272 7.72 29.09 -4.48
N TYR C 273 6.64 29.14 -5.25
CA TYR C 273 5.36 28.58 -4.81
C TYR C 273 5.35 27.06 -5.04
N PRO C 274 4.38 26.35 -4.44
CA PRO C 274 4.32 24.90 -4.63
C PRO C 274 4.26 24.48 -6.09
N LEU C 275 3.43 25.16 -6.87
CA LEU C 275 3.21 24.81 -8.27
C LEU C 275 3.91 25.64 -9.34
N TYR C 276 4.67 26.65 -8.92
CA TYR C 276 5.35 27.47 -9.91
C TYR C 276 6.30 28.47 -9.27
N THR C 277 7.21 28.97 -10.09
CA THR C 277 8.17 29.98 -9.67
C THR C 277 7.73 31.27 -10.35
N GLN C 278 7.47 32.29 -9.55
CA GLN C 278 7.07 33.58 -10.10
C GLN C 278 8.23 34.58 -9.98
N ILE C 279 8.65 35.10 -11.12
CA ILE C 279 9.73 36.08 -11.19
C ILE C 279 9.13 37.44 -11.51
N THR C 280 9.09 38.31 -10.51
CA THR C 280 8.57 39.66 -10.70
C THR C 280 9.78 40.46 -11.16
N VAL C 281 9.64 41.12 -12.30
CA VAL C 281 10.75 41.85 -12.90
C VAL C 281 10.40 43.22 -13.47
N ASP C 282 11.38 44.12 -13.42
CA ASP C 282 11.23 45.49 -13.95
C ASP C 282 11.84 45.44 -15.34
N ILE C 283 10.99 45.52 -16.37
CA ILE C 283 11.48 45.48 -17.74
C ILE C 283 11.51 46.86 -18.37
N GLY C 284 11.18 47.87 -17.56
CA GLY C 284 11.24 49.24 -18.04
C GLY C 284 10.02 49.78 -18.78
N THR C 285 10.29 50.82 -19.58
CA THR C 285 9.25 51.49 -20.34
C THR C 285 9.79 51.82 -21.73
N PRO C 286 8.89 52.14 -22.66
CA PRO C 286 9.34 52.46 -24.00
C PRO C 286 10.14 53.77 -24.08
N SER C 287 11.07 53.82 -25.03
CA SER C 287 11.90 55.00 -25.22
C SER C 287 11.01 56.22 -25.49
#